data_9ESC
#
_entry.id   9ESC
#
_cell.length_a   84.623
_cell.length_b   92.049
_cell.length_c   132.253
_cell.angle_alpha   90
_cell.angle_beta   90
_cell.angle_gamma   90
#
_symmetry.space_group_name_H-M   'P 21 21 21'
#
loop_
_entity.id
_entity.type
_entity.pdbx_description
1 polymer 'Indoleamine 2,3-dioxygenase 1'
2 non-polymer 'PROTOPORPHYRIN IX CONTAINING FE'
3 non-polymer (~{S})-[(7~{a}~{R})-2-cyclopentyl-5,6,7,7~{a}-tetrahydroimidazo[5,1-b][1,3]thiazol-3-yl]-cyclohexyl-methanol
4 water water
#
_entity_poly.entity_id   1
_entity_poly.type   'polypeptide(L)'
_entity_poly.pdbx_seq_one_letter_code
;MGSSHHHHHHSAALEVLFQGPHMWTISKEYHIDEEVGFALPNPQENLPDFYNDWMFIAKHLPDLIESGQLRERVEKLNML
SIDHLTDHKSQRLARLVLGCITMAYVWGKGHGDVRKVLPRNIAVPYCQLSKKLELPPILVYADCVLANWKKKDPNKPLTY
ENMDVLFSFRDGDCSKGFFLVSLLVEIAAASAIKVIPTVFKAMQMQERDTLLKALLEIASCLEKALQVFHQIHDHVNPKA
FFSVLRIYLSGWKGNPQLSDGLVYEGFWEDPKEFAGGSAGQSSVFQCFDVLLGIQQTAGGGHAAQFLQDMRRYMPPAHRN
FLCSLESNPSVREFVLSKGDAGLREAYDACVKALVSLRSYHLQIVTKYILIPASQQPKENKTSEDPSKLEAKGTGGTDLM
NFLKTVRSTTEKSLLKEG
;
_entity_poly.pdbx_strand_id   A,B
#
loop_
_chem_comp.id
_chem_comp.type
_chem_comp.name
_chem_comp.formula
A1H6R non-polymer (~{S})-[(7~{a}~{R})-2-cyclopentyl-5,6,7,7~{a}-tetrahydroimidazo[5,1-b][1,3]thiazol-3-yl]-cyclohexyl-methanol 'C17 H28 N2 O S'
HEM non-polymer 'PROTOPORPHYRIN IX CONTAINING FE' 'C34 H32 Fe N4 O4'
#
# COMPACT_ATOMS: atom_id res chain seq x y z
N ALA A 12 -15.27 15.98 -2.60
CA ALA A 12 -14.11 16.26 -1.75
C ALA A 12 -12.83 15.84 -2.45
N ALA A 13 -12.84 14.68 -3.12
CA ALA A 13 -11.70 14.14 -3.86
C ALA A 13 -11.28 15.07 -5.00
N LEU A 14 -12.26 15.65 -5.71
CA LEU A 14 -12.00 16.58 -6.81
C LEU A 14 -11.20 17.80 -6.31
N GLU A 15 -11.62 18.39 -5.18
CA GLU A 15 -11.00 19.54 -4.55
C GLU A 15 -9.64 19.20 -3.93
N VAL A 16 -9.44 17.95 -3.49
CA VAL A 16 -8.15 17.53 -2.91
C VAL A 16 -7.07 17.51 -4.03
N LEU A 17 -7.47 17.20 -5.30
CA LEU A 17 -6.55 17.24 -6.43
C LEU A 17 -6.07 18.67 -6.69
N PHE A 18 -6.97 19.66 -6.58
CA PHE A 18 -6.65 21.07 -6.85
C PHE A 18 -6.04 21.86 -5.69
N GLN A 19 -6.57 21.67 -4.47
CA GLN A 19 -6.12 22.45 -3.31
C GLN A 19 -5.13 21.72 -2.41
N GLY A 20 -4.90 20.43 -2.63
CA GLY A 20 -3.97 19.66 -1.84
C GLY A 20 -4.65 18.80 -0.81
N PRO A 21 -3.90 17.84 -0.26
CA PRO A 21 -4.48 16.93 0.74
C PRO A 21 -4.77 17.57 2.09
N HIS A 22 -5.99 18.12 2.28
CA HIS A 22 -6.34 18.75 3.55
C HIS A 22 -7.67 18.29 4.06
N MET A 23 -7.62 17.54 5.16
CA MET A 23 -8.83 16.98 5.75
C MET A 23 -9.50 17.92 6.75
N TRP A 24 -10.03 19.04 6.22
CA TRP A 24 -10.81 19.99 7.00
C TRP A 24 -12.20 19.39 7.38
N THR A 25 -12.62 18.32 6.70
CA THR A 25 -13.88 17.65 6.98
C THR A 25 -13.83 16.14 6.66
N ILE A 26 -14.72 15.35 7.30
CA ILE A 26 -14.81 13.94 6.95
C ILE A 26 -15.95 13.76 5.95
N SER A 27 -15.54 13.74 4.70
CA SER A 27 -16.39 13.54 3.54
C SER A 27 -17.18 12.25 3.66
N LYS A 28 -18.44 12.29 3.22
CA LYS A 28 -19.32 11.13 3.19
C LYS A 28 -18.78 10.01 2.28
N GLU A 29 -17.89 10.35 1.33
CA GLU A 29 -17.23 9.41 0.44
C GLU A 29 -16.34 8.41 1.18
N TYR A 30 -15.97 8.70 2.43
CA TYR A 30 -15.13 7.78 3.22
C TYR A 30 -15.97 6.69 3.91
N HIS A 31 -17.31 6.84 3.95
CA HIS A 31 -18.26 5.89 4.52
C HIS A 31 -17.94 5.55 5.96
N ILE A 32 -17.76 6.61 6.73
CA ILE A 32 -17.55 6.57 8.15
C ILE A 32 -18.84 7.08 8.72
N ASP A 33 -19.51 6.25 9.49
CA ASP A 33 -20.78 6.57 10.10
C ASP A 33 -20.55 7.38 11.37
N GLU A 34 -21.47 8.30 11.69
CA GLU A 34 -21.35 9.14 12.87
C GLU A 34 -21.44 8.35 14.17
N GLU A 35 -22.24 7.28 14.16
CA GLU A 35 -22.41 6.47 15.33
C GLU A 35 -21.47 5.27 15.39
N VAL A 36 -21.35 4.48 14.30
CA VAL A 36 -20.57 3.24 14.35
C VAL A 36 -19.21 3.28 13.67
N GLY A 37 -18.81 4.45 13.16
CA GLY A 37 -17.52 4.65 12.55
C GLY A 37 -17.30 3.84 11.30
N PHE A 38 -16.26 3.00 11.31
CA PHE A 38 -15.94 2.13 10.20
C PHE A 38 -16.88 0.91 10.06
N ALA A 39 -17.68 0.61 11.09
CA ALA A 39 -18.63 -0.48 11.02
C ALA A 39 -19.74 -0.13 10.00
N LEU A 40 -20.38 -1.17 9.47
CA LEU A 40 -21.47 -0.98 8.52
C LEU A 40 -22.70 -0.67 9.35
N PRO A 41 -23.31 0.51 9.16
CA PRO A 41 -24.50 0.83 9.97
C PRO A 41 -25.66 -0.08 9.63
N ASN A 42 -26.45 -0.51 10.64
CA ASN A 42 -27.62 -1.41 10.48
C ASN A 42 -27.49 -2.42 9.35
N PRO A 43 -26.56 -3.40 9.49
CA PRO A 43 -26.34 -4.34 8.40
C PRO A 43 -27.61 -5.08 7.98
N GLN A 44 -27.71 -5.45 6.70
CA GLN A 44 -28.86 -6.23 6.21
C GLN A 44 -28.81 -7.64 6.82
N GLU A 45 -29.96 -8.17 7.23
N GLU A 45 -29.95 -8.18 7.24
CA GLU A 45 -30.05 -9.48 7.87
CA GLU A 45 -29.97 -9.53 7.83
C GLU A 45 -30.55 -10.59 6.94
C GLU A 45 -30.44 -10.60 6.83
N ASN A 46 -31.33 -10.22 5.91
CA ASN A 46 -31.88 -11.17 4.97
C ASN A 46 -31.55 -10.82 3.55
N LEU A 47 -31.28 -11.84 2.75
CA LEU A 47 -31.03 -11.64 1.33
C LEU A 47 -32.39 -11.82 0.60
N PRO A 48 -32.54 -11.39 -0.68
CA PRO A 48 -33.78 -11.68 -1.41
C PRO A 48 -34.02 -13.20 -1.47
N ASP A 49 -35.30 -13.61 -1.52
CA ASP A 49 -35.73 -15.02 -1.54
C ASP A 49 -34.98 -15.88 -2.56
N PHE A 50 -34.50 -15.27 -3.63
CA PHE A 50 -33.72 -15.94 -4.66
C PHE A 50 -32.49 -16.66 -4.08
N TYR A 51 -31.92 -16.09 -3.00
CA TYR A 51 -30.71 -16.58 -2.36
C TYR A 51 -30.96 -17.47 -1.14
N ASN A 52 -32.20 -17.98 -0.96
CA ASN A 52 -32.53 -18.84 0.19
C ASN A 52 -31.59 -20.05 0.38
N ASP A 53 -31.07 -20.64 -0.71
CA ASP A 53 -30.17 -21.79 -0.62
C ASP A 53 -28.81 -21.41 -0.01
N TRP A 54 -28.34 -20.18 -0.25
CA TRP A 54 -27.11 -19.70 0.37
C TRP A 54 -27.39 -19.47 1.84
N MET A 55 -28.49 -18.74 2.16
CA MET A 55 -28.84 -18.40 3.51
C MET A 55 -29.05 -19.57 4.40
N PHE A 56 -29.69 -20.65 3.88
CA PHE A 56 -29.89 -21.84 4.69
C PHE A 56 -28.55 -22.43 5.15
N ILE A 57 -27.61 -22.58 4.22
CA ILE A 57 -26.30 -23.12 4.56
C ILE A 57 -25.56 -22.23 5.59
N ALA A 58 -25.48 -20.91 5.34
CA ALA A 58 -24.82 -19.95 6.22
C ALA A 58 -25.42 -19.91 7.63
N LYS A 59 -26.74 -19.93 7.72
CA LYS A 59 -27.42 -19.92 9.00
C LYS A 59 -27.32 -21.25 9.77
N HIS A 60 -26.95 -22.35 9.10
CA HIS A 60 -26.88 -23.65 9.76
C HIS A 60 -25.50 -24.29 9.69
N LEU A 61 -24.44 -23.46 9.64
CA LEU A 61 -23.08 -23.98 9.63
C LEU A 61 -22.77 -24.90 10.82
N PRO A 62 -23.11 -24.54 12.08
CA PRO A 62 -22.80 -25.45 13.19
C PRO A 62 -23.39 -26.85 13.00
N ASP A 63 -24.66 -26.97 12.55
CA ASP A 63 -25.30 -28.27 12.39
C ASP A 63 -24.84 -29.00 11.17
N LEU A 64 -24.67 -28.30 10.04
CA LEU A 64 -24.23 -28.94 8.81
C LEU A 64 -22.80 -29.40 8.91
N ILE A 65 -21.94 -28.64 9.60
CA ILE A 65 -20.55 -29.04 9.78
C ILE A 65 -20.50 -30.31 10.64
N GLU A 66 -21.13 -30.26 11.85
CA GLU A 66 -21.08 -31.36 12.81
C GLU A 66 -21.64 -32.67 12.24
N SER A 67 -22.72 -32.56 11.42
CA SER A 67 -23.36 -33.73 10.81
C SER A 67 -22.65 -34.26 9.57
N GLY A 68 -21.60 -33.58 9.10
CA GLY A 68 -20.87 -33.99 7.89
C GLY A 68 -21.66 -33.76 6.60
N GLN A 69 -22.66 -32.88 6.65
CA GLN A 69 -23.53 -32.61 5.50
C GLN A 69 -23.24 -31.30 4.79
N LEU A 70 -22.35 -30.46 5.35
CA LEU A 70 -22.07 -29.15 4.76
C LEU A 70 -21.50 -29.21 3.33
N ARG A 71 -20.44 -29.97 3.11
CA ARG A 71 -19.82 -30.02 1.80
C ARG A 71 -20.77 -30.50 0.70
N GLU A 72 -21.65 -31.46 1.04
CA GLU A 72 -22.65 -31.95 0.11
C GLU A 72 -23.68 -30.86 -0.22
N ARG A 73 -24.17 -30.12 0.79
CA ARG A 73 -25.12 -29.03 0.55
C ARG A 73 -24.50 -27.95 -0.35
N VAL A 74 -23.18 -27.67 -0.16
CA VAL A 74 -22.49 -26.68 -0.99
C VAL A 74 -22.35 -27.20 -2.41
N GLU A 75 -21.95 -28.46 -2.55
CA GLU A 75 -21.81 -29.08 -3.87
C GLU A 75 -23.15 -29.23 -4.63
N LYS A 76 -24.28 -29.33 -3.91
CA LYS A 76 -25.62 -29.42 -4.50
C LYS A 76 -26.20 -28.07 -4.95
N LEU A 77 -25.53 -26.94 -4.62
CA LEU A 77 -26.04 -25.62 -5.00
C LEU A 77 -26.00 -25.39 -6.50
N ASN A 78 -26.96 -24.61 -7.00
CA ASN A 78 -26.93 -24.12 -8.37
C ASN A 78 -26.16 -22.77 -8.34
N MET A 79 -25.56 -22.37 -9.47
CA MET A 79 -24.81 -21.11 -9.50
C MET A 79 -25.79 -19.99 -9.55
N LEU A 80 -25.91 -19.24 -8.44
CA LEU A 80 -26.83 -18.12 -8.41
C LEU A 80 -26.16 -16.84 -8.88
N SER A 81 -26.85 -16.07 -9.75
CA SER A 81 -26.32 -14.83 -10.28
C SER A 81 -26.27 -13.75 -9.19
N ILE A 82 -25.24 -12.89 -9.18
CA ILE A 82 -25.17 -11.81 -8.20
C ILE A 82 -25.95 -10.55 -8.62
N ASP A 83 -26.61 -10.55 -9.79
CA ASP A 83 -27.34 -9.38 -10.28
C ASP A 83 -28.53 -8.96 -9.42
N HIS A 84 -29.06 -9.85 -8.59
CA HIS A 84 -30.18 -9.51 -7.71
C HIS A 84 -29.72 -8.88 -6.35
N LEU A 85 -28.42 -8.59 -6.20
CA LEU A 85 -27.86 -7.92 -5.01
C LEU A 85 -27.61 -6.49 -5.51
N THR A 86 -28.65 -5.66 -5.39
CA THR A 86 -28.70 -4.32 -6.00
C THR A 86 -28.08 -3.18 -5.20
N ASP A 87 -27.85 -3.35 -3.89
CA ASP A 87 -27.26 -2.28 -3.10
C ASP A 87 -26.06 -2.77 -2.26
N HIS A 88 -25.24 -1.84 -1.75
CA HIS A 88 -24.07 -2.16 -0.96
C HIS A 88 -24.35 -3.11 0.21
N LYS A 89 -25.42 -2.87 0.99
CA LYS A 89 -25.76 -3.70 2.15
C LYS A 89 -26.11 -5.15 1.78
N SER A 90 -26.88 -5.39 0.69
CA SER A 90 -27.15 -6.76 0.28
C SER A 90 -25.87 -7.42 -0.24
N GLN A 91 -24.98 -6.66 -0.90
CA GLN A 91 -23.70 -7.21 -1.38
C GLN A 91 -22.76 -7.56 -0.20
N ARG A 92 -22.80 -6.75 0.88
CA ARG A 92 -22.00 -6.96 2.07
C ARG A 92 -22.50 -8.20 2.81
N LEU A 93 -23.84 -8.37 2.91
CA LEU A 93 -24.43 -9.54 3.56
C LEU A 93 -24.07 -10.78 2.76
N ALA A 94 -24.17 -10.71 1.43
CA ALA A 94 -23.85 -11.82 0.55
C ALA A 94 -22.38 -12.22 0.70
N ARG A 95 -21.48 -11.24 0.86
CA ARG A 95 -20.05 -11.47 1.07
C ARG A 95 -19.83 -12.20 2.39
N LEU A 96 -20.55 -11.79 3.45
CA LEU A 96 -20.45 -12.44 4.74
C LEU A 96 -20.96 -13.91 4.64
N VAL A 97 -22.12 -14.11 3.98
CA VAL A 97 -22.74 -15.41 3.73
C VAL A 97 -21.78 -16.32 2.98
N LEU A 98 -21.27 -15.89 1.83
CA LEU A 98 -20.39 -16.72 1.01
C LEU A 98 -19.04 -16.99 1.66
N GLY A 99 -18.55 -16.00 2.42
CA GLY A 99 -17.27 -16.10 3.12
C GLY A 99 -17.33 -17.12 4.24
N CYS A 100 -18.43 -17.10 5.02
CA CYS A 100 -18.61 -18.07 6.10
C CYS A 100 -18.75 -19.48 5.53
N ILE A 101 -19.48 -19.62 4.41
CA ILE A 101 -19.65 -20.89 3.73
C ILE A 101 -18.29 -21.39 3.21
N THR A 102 -17.49 -20.48 2.60
CA THR A 102 -16.17 -20.83 2.09
C THR A 102 -15.27 -21.35 3.21
N MET A 103 -15.22 -20.66 4.37
CA MET A 103 -14.41 -21.13 5.49
C MET A 103 -14.85 -22.51 5.97
N ALA A 104 -16.16 -22.73 6.11
CA ALA A 104 -16.68 -24.01 6.56
C ALA A 104 -16.38 -25.11 5.55
N TYR A 105 -16.49 -24.80 4.25
CA TYR A 105 -16.25 -25.76 3.19
C TYR A 105 -14.77 -26.15 3.18
N VAL A 106 -13.87 -25.16 3.25
CA VAL A 106 -12.44 -25.43 3.22
C VAL A 106 -11.97 -26.24 4.43
N TRP A 107 -12.36 -25.81 5.65
CA TRP A 107 -11.84 -26.44 6.84
C TRP A 107 -12.63 -27.63 7.35
N GLY A 108 -13.87 -27.77 6.94
CA GLY A 108 -14.73 -28.88 7.36
C GLY A 108 -14.94 -28.92 8.85
N LYS A 109 -14.71 -30.08 9.48
CA LYS A 109 -14.84 -30.20 10.95
C LYS A 109 -13.64 -29.63 11.72
N GLY A 110 -12.63 -29.16 11.02
CA GLY A 110 -11.47 -28.55 11.65
C GLY A 110 -10.48 -29.54 12.24
N HIS A 111 -10.46 -30.76 11.71
CA HIS A 111 -9.53 -31.77 12.21
C HIS A 111 -8.40 -32.13 11.23
N GLY A 112 -8.34 -31.48 10.08
CA GLY A 112 -7.28 -31.74 9.11
C GLY A 112 -7.73 -32.19 7.75
N ASP A 113 -9.02 -32.54 7.59
CA ASP A 113 -9.53 -32.92 6.27
C ASP A 113 -9.96 -31.64 5.57
N VAL A 114 -9.11 -31.14 4.70
CA VAL A 114 -9.30 -29.87 4.02
C VAL A 114 -9.78 -30.04 2.59
N ARG A 115 -10.41 -28.99 2.04
CA ARG A 115 -10.80 -28.95 0.64
C ARG A 115 -9.96 -27.87 -0.01
N LYS A 116 -9.31 -28.19 -1.12
CA LYS A 116 -8.44 -27.26 -1.84
C LYS A 116 -9.07 -26.63 -3.09
N VAL A 117 -10.31 -27.00 -3.40
CA VAL A 117 -11.01 -26.44 -4.55
C VAL A 117 -12.36 -25.99 -4.07
N LEU A 118 -12.69 -24.71 -4.30
CA LEU A 118 -13.98 -24.18 -3.89
C LEU A 118 -14.87 -24.36 -5.11
N PRO A 119 -15.99 -25.11 -5.00
CA PRO A 119 -16.85 -25.36 -6.17
C PRO A 119 -17.29 -24.08 -6.90
N ARG A 120 -17.35 -24.15 -8.23
CA ARG A 120 -17.74 -23.03 -9.07
C ARG A 120 -19.05 -22.37 -8.72
N ASN A 121 -20.03 -23.14 -8.25
CA ASN A 121 -21.34 -22.57 -7.92
C ASN A 121 -21.27 -21.57 -6.76
N ILE A 122 -20.24 -21.67 -5.89
CA ILE A 122 -20.04 -20.69 -4.83
C ILE A 122 -18.87 -19.74 -5.19
N ALA A 123 -17.75 -20.28 -5.70
CA ALA A 123 -16.56 -19.51 -6.07
C ALA A 123 -16.79 -18.42 -7.10
N VAL A 124 -17.62 -18.69 -8.15
CA VAL A 124 -17.88 -17.66 -9.15
C VAL A 124 -18.68 -16.47 -8.57
N PRO A 125 -19.87 -16.64 -7.95
CA PRO A 125 -20.56 -15.46 -7.39
C PRO A 125 -19.75 -14.78 -6.26
N TYR A 126 -18.95 -15.57 -5.52
CA TYR A 126 -18.13 -15.01 -4.43
C TYR A 126 -17.08 -14.08 -5.02
N CYS A 127 -16.33 -14.55 -6.01
CA CYS A 127 -15.30 -13.72 -6.62
C CYS A 127 -15.87 -12.54 -7.36
N GLN A 128 -17.05 -12.70 -8.00
CA GLN A 128 -17.67 -11.59 -8.72
C GLN A 128 -18.06 -10.47 -7.77
N LEU A 129 -18.65 -10.84 -6.66
CA LEU A 129 -19.10 -9.90 -5.65
C LEU A 129 -17.89 -9.24 -4.95
N SER A 130 -16.80 -10.00 -4.76
CA SER A 130 -15.56 -9.53 -4.16
C SER A 130 -14.88 -8.50 -5.07
N LYS A 131 -14.92 -8.73 -6.39
CA LYS A 131 -14.35 -7.81 -7.38
C LYS A 131 -15.14 -6.51 -7.34
N LYS A 132 -16.47 -6.60 -7.25
CA LYS A 132 -17.38 -5.47 -7.18
C LYS A 132 -17.15 -4.62 -5.90
N LEU A 133 -16.93 -5.28 -4.74
CA LEU A 133 -16.70 -4.52 -3.51
C LEU A 133 -15.22 -4.19 -3.25
N GLU A 134 -14.33 -4.57 -4.19
CA GLU A 134 -12.87 -4.39 -4.12
C GLU A 134 -12.31 -4.99 -2.84
N LEU A 135 -12.75 -6.20 -2.53
CA LEU A 135 -12.29 -6.94 -1.35
C LEU A 135 -11.86 -8.33 -1.85
N PRO A 136 -10.87 -8.93 -1.19
CA PRO A 136 -10.46 -10.27 -1.63
C PRO A 136 -11.52 -11.34 -1.32
N PRO A 137 -11.52 -12.46 -2.06
CA PRO A 137 -12.55 -13.50 -1.82
C PRO A 137 -12.23 -14.44 -0.64
N ILE A 138 -12.18 -13.84 0.56
CA ILE A 138 -11.92 -14.53 1.83
C ILE A 138 -12.59 -13.63 2.89
N LEU A 139 -13.05 -14.22 4.00
CA LEU A 139 -13.64 -13.43 5.08
C LEU A 139 -12.61 -12.44 5.62
N VAL A 140 -12.99 -11.16 5.70
CA VAL A 140 -12.14 -10.12 6.26
C VAL A 140 -12.82 -9.58 7.53
N TYR A 141 -12.10 -8.75 8.31
CA TYR A 141 -12.61 -8.09 9.51
C TYR A 141 -13.90 -7.29 9.18
N ALA A 142 -13.96 -6.64 8.01
CA ALA A 142 -15.14 -5.89 7.56
C ALA A 142 -16.37 -6.79 7.33
N ASP A 143 -16.18 -8.08 7.11
CA ASP A 143 -17.32 -8.98 6.97
C ASP A 143 -17.77 -9.44 8.33
N CYS A 144 -16.89 -10.18 9.01
CA CYS A 144 -17.13 -10.93 10.20
C CYS A 144 -17.32 -10.10 11.46
N VAL A 145 -16.76 -8.89 11.48
CA VAL A 145 -16.96 -8.00 12.62
C VAL A 145 -17.86 -6.80 12.24
N LEU A 146 -17.50 -6.07 11.21
CA LEU A 146 -18.17 -4.83 10.85
C LEU A 146 -19.57 -4.98 10.24
N ALA A 147 -19.86 -6.10 9.55
CA ALA A 147 -21.17 -6.33 8.93
C ALA A 147 -21.96 -7.52 9.51
N ASN A 148 -21.39 -8.21 10.50
CA ASN A 148 -21.97 -9.43 11.07
C ASN A 148 -22.69 -9.17 12.37
N TRP A 149 -23.63 -8.23 12.36
CA TRP A 149 -24.32 -7.87 13.57
C TRP A 149 -25.70 -7.27 13.36
N LYS A 150 -26.50 -7.24 14.42
CA LYS A 150 -27.83 -6.65 14.40
C LYS A 150 -28.18 -6.17 15.79
N LYS A 151 -29.12 -5.24 15.86
CA LYS A 151 -29.71 -4.83 17.12
C LYS A 151 -30.89 -5.79 17.31
N LYS A 152 -31.11 -6.26 18.54
CA LYS A 152 -32.28 -7.10 18.86
C LYS A 152 -33.54 -6.20 18.84
N ASP A 153 -33.44 -5.01 19.46
CA ASP A 153 -34.48 -4.01 19.50
C ASP A 153 -33.93 -2.74 18.87
N PRO A 154 -34.46 -2.34 17.69
CA PRO A 154 -33.98 -1.11 17.03
C PRO A 154 -34.15 0.16 17.86
N ASN A 155 -35.03 0.13 18.88
CA ASN A 155 -35.25 1.31 19.73
C ASN A 155 -34.31 1.39 20.93
N LYS A 156 -33.50 0.35 21.18
CA LYS A 156 -32.55 0.35 22.28
C LYS A 156 -31.11 0.63 21.79
N PRO A 157 -30.22 1.17 22.64
CA PRO A 157 -28.87 1.52 22.16
C PRO A 157 -27.94 0.33 21.83
N LEU A 158 -26.75 0.63 21.31
CA LEU A 158 -25.76 -0.36 20.95
C LEU A 158 -25.00 -0.86 22.17
N THR A 159 -25.60 -1.83 22.86
CA THR A 159 -25.00 -2.53 23.99
C THR A 159 -24.94 -4.01 23.67
N TYR A 160 -24.06 -4.78 24.34
CA TYR A 160 -23.95 -6.21 24.10
C TYR A 160 -25.29 -6.92 24.27
N GLU A 161 -26.06 -6.52 25.31
CA GLU A 161 -27.37 -7.10 25.61
C GLU A 161 -28.37 -6.92 24.49
N ASN A 162 -28.27 -5.81 23.78
CA ASN A 162 -29.18 -5.51 22.68
C ASN A 162 -28.60 -5.90 21.31
N MET A 163 -27.55 -6.74 21.25
CA MET A 163 -26.92 -7.07 19.98
C MET A 163 -26.74 -8.56 19.79
N ASP A 164 -26.56 -8.96 18.54
CA ASP A 164 -26.29 -10.34 18.19
C ASP A 164 -25.52 -10.38 16.87
N VAL A 165 -24.82 -11.47 16.62
CA VAL A 165 -24.13 -11.69 15.35
C VAL A 165 -25.12 -12.36 14.38
N LEU A 166 -24.84 -12.30 13.08
CA LEU A 166 -25.70 -12.94 12.10
C LEU A 166 -25.28 -14.38 11.88
N PHE A 167 -23.95 -14.65 11.86
CA PHE A 167 -23.41 -15.99 11.59
C PHE A 167 -22.31 -16.43 12.56
N SER A 168 -22.32 -17.74 12.86
CA SER A 168 -21.37 -18.46 13.71
C SER A 168 -20.85 -19.69 12.95
N PHE A 169 -19.76 -20.31 13.40
CA PHE A 169 -19.23 -21.49 12.73
C PHE A 169 -19.62 -22.80 13.41
N ARG A 170 -19.45 -22.89 14.72
CA ARG A 170 -19.75 -24.10 15.48
C ARG A 170 -20.46 -23.72 16.77
N ASP A 171 -21.25 -24.65 17.33
N ASP A 171 -21.19 -24.68 17.35
CA ASP A 171 -21.91 -24.36 18.60
CA ASP A 171 -21.88 -24.56 18.62
C ASP A 171 -20.86 -24.28 19.70
C ASP A 171 -20.82 -24.30 19.70
N GLY A 172 -21.03 -23.28 20.55
CA GLY A 172 -20.08 -23.00 21.62
C GLY A 172 -18.75 -22.43 21.16
N ASP A 173 -18.63 -21.92 19.90
CA ASP A 173 -17.36 -21.38 19.41
C ASP A 173 -17.04 -19.96 19.93
N CYS A 174 -17.98 -19.32 20.66
CA CYS A 174 -17.80 -17.98 21.19
C CYS A 174 -17.62 -16.91 20.11
N SER A 175 -18.15 -17.16 18.90
CA SER A 175 -18.05 -16.20 17.82
C SER A 175 -18.86 -14.97 18.15
N LYS A 176 -20.02 -15.09 18.83
CA LYS A 176 -20.80 -13.91 19.23
C LYS A 176 -19.97 -12.98 20.13
N GLY A 177 -19.41 -13.53 21.21
CA GLY A 177 -18.60 -12.77 22.14
C GLY A 177 -17.38 -12.12 21.49
N PHE A 178 -16.63 -12.90 20.70
CA PHE A 178 -15.41 -12.41 20.06
C PHE A 178 -15.72 -11.31 19.05
N PHE A 179 -16.67 -11.56 18.13
CA PHE A 179 -17.00 -10.59 17.10
C PHE A 179 -17.63 -9.34 17.66
N LEU A 180 -18.60 -9.49 18.58
CA LEU A 180 -19.28 -8.33 19.15
C LEU A 180 -18.43 -7.48 20.07
N VAL A 181 -17.52 -8.09 20.87
CA VAL A 181 -16.66 -7.27 21.73
C VAL A 181 -15.66 -6.48 20.87
N SER A 182 -15.17 -7.09 19.76
CA SER A 182 -14.32 -6.39 18.80
C SER A 182 -15.10 -5.20 18.20
N LEU A 183 -16.35 -5.45 17.81
CA LEU A 183 -17.21 -4.43 17.22
C LEU A 183 -17.48 -3.30 18.22
N LEU A 184 -17.76 -3.65 19.48
CA LEU A 184 -18.03 -2.62 20.50
C LEU A 184 -16.80 -1.76 20.75
N VAL A 185 -15.59 -2.35 20.82
CA VAL A 185 -14.34 -1.59 20.98
C VAL A 185 -14.13 -0.70 19.76
N GLU A 186 -14.33 -1.26 18.56
CA GLU A 186 -14.20 -0.58 17.26
C GLU A 186 -15.12 0.66 17.22
N ILE A 187 -16.37 0.52 17.69
CA ILE A 187 -17.33 1.61 17.77
C ILE A 187 -16.95 2.67 18.85
N ALA A 188 -16.46 2.24 20.01
CA ALA A 188 -16.05 3.17 21.07
C ALA A 188 -14.86 4.01 20.58
N ALA A 189 -13.88 3.39 19.91
CA ALA A 189 -12.73 4.12 19.38
C ALA A 189 -13.13 5.10 18.26
N ALA A 190 -14.16 4.75 17.50
CA ALA A 190 -14.65 5.56 16.39
C ALA A 190 -15.23 6.91 16.81
N SER A 191 -15.62 7.07 18.07
CA SER A 191 -16.15 8.37 18.53
C SER A 191 -15.04 9.48 18.48
N ALA A 192 -13.75 9.07 18.46
CA ALA A 192 -12.65 10.01 18.30
C ALA A 192 -12.44 10.46 16.84
N ILE A 193 -13.03 9.76 15.84
CA ILE A 193 -12.86 10.10 14.44
C ILE A 193 -13.39 11.48 14.10
N LYS A 194 -14.56 11.86 14.66
CA LYS A 194 -15.13 13.17 14.39
C LYS A 194 -14.22 14.33 14.85
N VAL A 195 -13.25 14.03 15.73
CA VAL A 195 -12.30 15.03 16.21
C VAL A 195 -11.12 15.24 15.22
N ILE A 196 -10.89 14.29 14.30
CA ILE A 196 -9.80 14.39 13.34
C ILE A 196 -9.84 15.70 12.52
N PRO A 197 -10.98 16.14 11.94
CA PRO A 197 -10.97 17.42 11.19
C PRO A 197 -10.62 18.60 12.09
N THR A 198 -11.06 18.58 13.36
CA THR A 198 -10.76 19.62 14.33
C THR A 198 -9.25 19.73 14.56
N VAL A 199 -8.56 18.59 14.67
CA VAL A 199 -7.10 18.54 14.83
C VAL A 199 -6.39 19.17 13.63
N PHE A 200 -6.75 18.78 12.40
CA PHE A 200 -6.12 19.34 11.20
C PHE A 200 -6.44 20.81 10.98
N LYS A 201 -7.67 21.24 11.26
CA LYS A 201 -8.05 22.65 11.11
C LYS A 201 -7.28 23.48 12.15
N ALA A 202 -7.20 22.99 13.41
CA ALA A 202 -6.48 23.69 14.48
C ALA A 202 -5.03 23.87 14.14
N MET A 203 -4.41 22.87 13.51
N MET A 203 -4.41 22.88 13.47
CA MET A 203 -3.01 22.99 13.13
CA MET A 203 -3.01 22.98 13.05
C MET A 203 -2.83 24.05 12.04
C MET A 203 -2.80 24.01 11.93
N GLN A 204 -3.62 23.98 10.97
N GLN A 204 -3.65 24.02 10.90
CA GLN A 204 -3.51 24.94 9.87
CA GLN A 204 -3.47 24.95 9.78
C GLN A 204 -3.78 26.37 10.35
C GLN A 204 -3.72 26.40 10.20
N MET A 205 -4.85 26.56 11.13
N MET A 205 -4.72 26.62 11.04
CA MET A 205 -5.22 27.86 11.66
CA MET A 205 -5.06 27.95 11.54
C MET A 205 -4.45 28.26 12.92
C MET A 205 -4.17 28.42 12.70
N GLN A 206 -3.38 27.52 13.30
CA GLN A 206 -2.52 27.78 14.45
C GLN A 206 -3.32 28.08 15.71
N GLU A 207 -4.35 27.28 15.96
CA GLU A 207 -5.22 27.43 17.12
C GLU A 207 -4.75 26.47 18.20
N ARG A 208 -3.76 26.92 18.97
CA ARG A 208 -3.17 26.12 20.04
C ARG A 208 -4.18 25.54 21.05
N ASP A 209 -5.07 26.37 21.62
CA ASP A 209 -6.01 25.86 22.60
C ASP A 209 -7.00 24.88 22.00
N THR A 210 -7.44 25.11 20.75
CA THR A 210 -8.37 24.19 20.09
C THR A 210 -7.69 22.84 19.87
N LEU A 211 -6.43 22.84 19.44
CA LEU A 211 -5.67 21.62 19.21
C LEU A 211 -5.50 20.82 20.50
N LEU A 212 -5.13 21.50 21.58
CA LEU A 212 -4.95 20.84 22.87
C LEU A 212 -6.25 20.17 23.33
N LYS A 213 -7.37 20.90 23.23
CA LYS A 213 -8.66 20.37 23.65
C LYS A 213 -9.06 19.17 22.77
N ALA A 214 -8.78 19.23 21.48
CA ALA A 214 -9.09 18.15 20.54
C ALA A 214 -8.27 16.87 20.90
N LEU A 215 -6.96 17.03 21.19
CA LEU A 215 -6.11 15.90 21.57
C LEU A 215 -6.60 15.25 22.87
N LEU A 216 -7.07 16.05 23.83
CA LEU A 216 -7.63 15.53 25.08
C LEU A 216 -8.94 14.78 24.87
N GLU A 217 -9.76 15.21 23.93
CA GLU A 217 -11.02 14.54 23.62
C GLU A 217 -10.74 13.18 22.93
N ILE A 218 -9.70 13.11 22.09
CA ILE A 218 -9.31 11.84 21.45
C ILE A 218 -8.79 10.87 22.51
N ALA A 219 -7.98 11.37 23.43
CA ALA A 219 -7.43 10.54 24.50
C ALA A 219 -8.57 9.97 25.36
N SER A 220 -9.56 10.81 25.67
CA SER A 220 -10.72 10.41 26.43
C SER A 220 -11.51 9.30 25.72
N CYS A 221 -11.68 9.39 24.39
CA CYS A 221 -12.38 8.37 23.62
C CYS A 221 -11.61 7.05 23.66
N LEU A 222 -10.30 7.10 23.47
CA LEU A 222 -9.46 5.91 23.50
C LEU A 222 -9.39 5.26 24.89
N GLU A 223 -9.48 6.08 25.96
CA GLU A 223 -9.51 5.60 27.34
C GLU A 223 -10.83 4.85 27.58
N LYS A 224 -11.94 5.41 27.07
CA LYS A 224 -13.28 4.81 27.17
C LYS A 224 -13.32 3.47 26.45
N ALA A 225 -12.61 3.34 25.32
CA ALA A 225 -12.56 2.09 24.57
C ALA A 225 -11.88 0.95 25.34
N LEU A 226 -10.97 1.27 26.27
CA LEU A 226 -10.31 0.25 27.09
C LEU A 226 -11.31 -0.42 28.04
N GLN A 227 -12.22 0.37 28.60
CA GLN A 227 -13.24 -0.17 29.49
C GLN A 227 -14.14 -1.16 28.75
N VAL A 228 -14.50 -0.81 27.50
CA VAL A 228 -15.32 -1.64 26.63
C VAL A 228 -14.66 -2.99 26.37
N PHE A 229 -13.32 -3.02 26.26
CA PHE A 229 -12.52 -4.23 26.06
C PHE A 229 -12.67 -5.25 27.16
N HIS A 230 -12.86 -4.81 28.43
CA HIS A 230 -12.96 -5.68 29.61
C HIS A 230 -14.03 -6.78 29.49
N GLN A 231 -15.12 -6.51 28.75
CA GLN A 231 -16.23 -7.42 28.50
C GLN A 231 -15.85 -8.71 27.85
N ILE A 232 -14.66 -8.80 27.21
CA ILE A 232 -14.20 -10.00 26.52
C ILE A 232 -14.29 -11.24 27.39
N HIS A 233 -13.90 -11.10 28.67
CA HIS A 233 -13.84 -12.20 29.63
C HIS A 233 -15.21 -12.83 29.90
N ASP A 234 -16.27 -12.02 29.85
CA ASP A 234 -17.62 -12.53 30.09
C ASP A 234 -18.20 -13.26 28.90
N HIS A 235 -17.67 -13.03 27.66
CA HIS A 235 -18.31 -13.61 26.49
C HIS A 235 -17.44 -14.55 25.66
N VAL A 236 -16.19 -14.76 26.04
CA VAL A 236 -15.30 -15.67 25.33
C VAL A 236 -14.58 -16.55 26.34
N ASN A 237 -14.46 -17.87 26.06
CA ASN A 237 -13.70 -18.74 26.93
C ASN A 237 -12.49 -19.28 26.17
N PRO A 238 -11.32 -19.31 26.82
CA PRO A 238 -10.09 -19.73 26.13
C PRO A 238 -10.11 -21.04 25.34
N LYS A 239 -10.64 -22.13 25.93
CA LYS A 239 -10.68 -23.42 25.26
C LYS A 239 -11.42 -23.40 23.92
N ALA A 240 -12.67 -22.89 23.93
CA ALA A 240 -13.49 -22.85 22.73
C ALA A 240 -12.88 -21.92 21.68
N PHE A 241 -12.35 -20.76 22.12
CA PHE A 241 -11.73 -19.82 21.20
C PHE A 241 -10.51 -20.45 20.49
N PHE A 242 -9.59 -21.00 21.30
CA PHE A 242 -8.37 -21.55 20.77
C PHE A 242 -8.57 -22.81 19.92
N SER A 243 -9.30 -23.79 20.43
CA SER A 243 -9.45 -25.06 19.73
C SER A 243 -10.53 -25.07 18.64
N VAL A 244 -11.51 -24.14 18.70
CA VAL A 244 -12.59 -24.15 17.71
C VAL A 244 -12.62 -22.89 16.81
N LEU A 245 -12.87 -21.68 17.35
CA LEU A 245 -12.97 -20.48 16.53
C LEU A 245 -11.75 -20.19 15.69
N ARG A 246 -10.57 -20.30 16.31
CA ARG A 246 -9.30 -20.03 15.66
C ARG A 246 -9.07 -20.85 14.35
N ILE A 247 -9.52 -22.10 14.32
CA ILE A 247 -9.36 -22.93 13.11
C ILE A 247 -10.17 -22.35 11.89
N TYR A 248 -11.40 -21.91 12.13
CA TYR A 248 -12.24 -21.39 11.04
C TYR A 248 -11.81 -20.05 10.50
N LEU A 249 -11.05 -19.29 11.30
CA LEU A 249 -10.57 -17.98 10.88
C LEU A 249 -9.19 -18.03 10.20
N SER A 250 -8.63 -19.25 9.93
CA SER A 250 -7.38 -19.37 9.21
C SER A 250 -7.57 -19.05 7.74
N GLY A 251 -6.53 -18.48 7.14
CA GLY A 251 -6.55 -18.20 5.72
C GLY A 251 -5.69 -19.19 4.96
N TRP A 252 -5.32 -18.82 3.76
CA TRP A 252 -4.50 -19.67 2.91
C TRP A 252 -3.37 -18.89 2.28
N LYS A 253 -2.52 -18.28 3.11
CA LYS A 253 -1.34 -17.57 2.64
C LYS A 253 -0.23 -18.00 3.56
N GLY A 254 0.74 -18.72 3.03
CA GLY A 254 1.82 -19.31 3.84
C GLY A 254 1.27 -20.36 4.78
N ASN A 255 0.16 -21.01 4.40
CA ASN A 255 -0.46 -22.03 5.24
C ASN A 255 -0.04 -23.40 4.75
N PRO A 256 0.67 -24.17 5.60
CA PRO A 256 1.11 -25.52 5.18
C PRO A 256 -0.03 -26.45 4.74
N GLN A 257 -1.25 -26.28 5.30
CA GLN A 257 -2.40 -27.10 4.93
C GLN A 257 -2.92 -26.77 3.54
N LEU A 258 -2.65 -25.58 3.00
CA LEU A 258 -3.05 -25.14 1.66
C LEU A 258 -1.86 -24.35 1.11
N SER A 259 -0.70 -25.02 1.01
CA SER A 259 0.58 -24.42 0.60
C SER A 259 0.54 -23.58 -0.68
N ASP A 260 -0.36 -23.88 -1.62
CA ASP A 260 -0.45 -23.09 -2.87
C ASP A 260 -1.62 -22.10 -2.94
N GLY A 261 -2.49 -22.14 -1.95
CA GLY A 261 -3.67 -21.31 -1.93
C GLY A 261 -4.92 -22.13 -2.20
N LEU A 262 -5.98 -21.46 -2.62
CA LEU A 262 -7.24 -22.11 -2.85
C LEU A 262 -7.66 -21.94 -4.30
N VAL A 263 -8.20 -23.01 -4.92
CA VAL A 263 -8.68 -22.89 -6.29
C VAL A 263 -10.09 -22.34 -6.24
N TYR A 264 -10.32 -21.21 -6.89
CA TYR A 264 -11.62 -20.57 -6.98
C TYR A 264 -12.16 -21.02 -8.35
N GLU A 265 -12.70 -22.25 -8.39
CA GLU A 265 -13.15 -22.93 -9.60
C GLU A 265 -14.06 -22.11 -10.48
N GLY A 266 -13.69 -21.99 -11.75
CA GLY A 266 -14.50 -21.23 -12.70
C GLY A 266 -14.17 -19.75 -12.76
N PHE A 267 -13.43 -19.22 -11.76
CA PHE A 267 -13.07 -17.80 -11.75
C PHE A 267 -11.60 -17.56 -12.13
N TRP A 268 -10.65 -18.25 -11.47
CA TRP A 268 -9.22 -18.16 -11.78
C TRP A 268 -8.70 -19.57 -11.99
N GLU A 269 -7.71 -19.70 -12.87
CA GLU A 269 -7.12 -20.98 -13.23
C GLU A 269 -6.24 -21.57 -12.14
N ASP A 270 -5.35 -20.77 -11.57
CA ASP A 270 -4.40 -21.20 -10.53
C ASP A 270 -4.91 -20.91 -9.13
N PRO A 271 -4.45 -21.67 -8.11
CA PRO A 271 -4.87 -21.38 -6.74
C PRO A 271 -4.33 -20.04 -6.26
N LYS A 272 -5.12 -19.32 -5.47
CA LYS A 272 -4.71 -18.00 -4.97
C LYS A 272 -4.55 -18.00 -3.47
N GLU A 273 -3.57 -17.24 -3.01
CA GLU A 273 -3.31 -17.10 -1.58
C GLU A 273 -3.90 -15.81 -1.05
N PHE A 274 -4.64 -15.90 0.05
CA PHE A 274 -5.19 -14.73 0.74
C PHE A 274 -5.03 -14.94 2.24
N ALA A 275 -4.63 -13.89 2.97
CA ALA A 275 -4.47 -13.98 4.43
C ALA A 275 -5.84 -14.05 5.11
N GLY A 276 -5.89 -14.72 6.24
CA GLY A 276 -7.12 -14.86 7.00
C GLY A 276 -7.54 -13.54 7.64
N GLY A 277 -8.78 -13.49 8.11
CA GLY A 277 -9.34 -12.31 8.77
C GLY A 277 -8.50 -11.89 9.96
N SER A 278 -8.16 -10.62 10.04
CA SER A 278 -7.33 -10.10 11.09
C SER A 278 -7.80 -8.74 11.64
N ALA A 279 -7.63 -8.48 12.95
CA ALA A 279 -7.90 -7.14 13.48
C ALA A 279 -6.79 -6.15 13.02
N GLY A 280 -5.71 -6.63 12.38
CA GLY A 280 -4.76 -5.78 11.68
C GLY A 280 -5.45 -5.09 10.47
N GLN A 281 -6.66 -5.57 10.07
CA GLN A 281 -7.52 -4.98 9.05
C GLN A 281 -8.45 -3.89 9.64
N SER A 282 -8.46 -3.68 10.98
CA SER A 282 -9.26 -2.62 11.57
C SER A 282 -8.70 -1.27 11.13
N SER A 283 -9.57 -0.46 10.57
CA SER A 283 -9.20 0.86 10.09
C SER A 283 -9.08 1.84 11.23
N VAL A 284 -9.86 1.70 12.31
CA VAL A 284 -9.85 2.68 13.40
C VAL A 284 -8.50 2.69 14.16
N PHE A 285 -7.89 1.52 14.38
CA PHE A 285 -6.61 1.43 15.04
C PHE A 285 -5.48 1.91 14.15
N GLN A 286 -5.53 1.57 12.84
CA GLN A 286 -4.52 2.08 11.91
C GLN A 286 -4.64 3.63 11.79
N CYS A 287 -5.87 4.15 11.82
CA CYS A 287 -6.22 5.57 11.73
C CYS A 287 -5.54 6.39 12.85
N PHE A 288 -5.59 5.94 14.11
CA PHE A 288 -4.96 6.68 15.22
C PHE A 288 -3.46 6.53 15.22
N ASP A 289 -2.91 5.42 14.70
CA ASP A 289 -1.44 5.29 14.58
C ASP A 289 -0.95 6.25 13.49
N VAL A 290 -1.72 6.41 12.38
CA VAL A 290 -1.33 7.34 11.33
C VAL A 290 -1.46 8.77 11.88
N LEU A 291 -2.61 9.11 12.48
CA LEU A 291 -2.85 10.43 13.03
C LEU A 291 -1.76 10.87 14.01
N LEU A 292 -1.34 9.97 14.91
CA LEU A 292 -0.35 10.31 15.92
C LEU A 292 1.11 10.10 15.51
N GLY A 293 1.36 9.77 14.24
CA GLY A 293 2.72 9.58 13.74
C GLY A 293 3.46 8.39 14.32
N ILE A 294 2.70 7.40 14.81
CA ILE A 294 3.29 6.16 15.30
C ILE A 294 3.47 5.39 14.02
N GLN A 295 4.68 5.39 13.47
CA GLN A 295 4.90 4.84 12.14
C GLN A 295 4.96 3.33 12.14
N GLN A 296 3.79 2.72 12.36
CA GLN A 296 3.66 1.27 12.40
C GLN A 296 4.02 0.65 11.08
N THR A 297 3.76 1.33 9.95
CA THR A 297 4.03 0.83 8.60
C THR A 297 5.39 1.23 8.01
N ALA A 298 6.23 1.92 8.78
CA ALA A 298 7.55 2.32 8.29
C ALA A 298 8.60 1.25 8.54
N GLY A 299 9.62 1.21 7.69
CA GLY A 299 10.73 0.26 7.79
C GLY A 299 10.45 -1.04 7.03
N GLY A 300 11.42 -1.92 7.07
CA GLY A 300 11.27 -3.21 6.40
C GLY A 300 10.84 -4.35 7.28
N GLY A 301 10.45 -4.06 8.53
CA GLY A 301 10.05 -5.08 9.49
C GLY A 301 8.81 -5.85 9.10
N HIS A 302 8.63 -7.05 9.65
CA HIS A 302 7.46 -7.87 9.34
C HIS A 302 6.16 -7.23 9.83
N ALA A 303 6.17 -6.58 11.01
CA ALA A 303 4.97 -5.96 11.60
C ALA A 303 4.44 -4.86 10.70
N ALA A 304 5.35 -4.01 10.21
CA ALA A 304 5.08 -2.92 9.28
C ALA A 304 4.50 -3.44 7.97
N GLN A 305 5.12 -4.47 7.40
CA GLN A 305 4.69 -5.02 6.14
C GLN A 305 3.30 -5.66 6.28
N PHE A 306 3.03 -6.32 7.41
CA PHE A 306 1.74 -6.96 7.64
C PHE A 306 0.62 -5.90 7.72
N LEU A 307 0.81 -4.84 8.52
CA LEU A 307 -0.22 -3.81 8.65
C LEU A 307 -0.44 -3.08 7.34
N GLN A 308 0.63 -2.87 6.55
CA GLN A 308 0.46 -2.24 5.25
C GLN A 308 -0.34 -3.16 4.32
N ASP A 309 0.00 -4.46 4.27
CA ASP A 309 -0.71 -5.40 3.43
C ASP A 309 -2.18 -5.53 3.82
N MET A 310 -2.50 -5.41 5.13
CA MET A 310 -3.89 -5.52 5.58
C MET A 310 -4.78 -4.42 5.10
N ARG A 311 -4.24 -3.29 4.61
CA ARG A 311 -5.05 -2.20 4.06
C ARG A 311 -5.79 -2.59 2.80
N ARG A 312 -5.21 -3.50 2.00
CA ARG A 312 -5.91 -4.01 0.81
C ARG A 312 -7.04 -4.98 1.16
N TYR A 313 -7.21 -5.31 2.44
CA TYR A 313 -8.30 -6.14 2.94
C TYR A 313 -9.39 -5.32 3.62
N MET A 314 -9.28 -3.99 3.60
CA MET A 314 -10.25 -3.06 4.14
C MET A 314 -11.14 -2.60 3.00
N PRO A 315 -12.38 -2.14 3.28
CA PRO A 315 -13.19 -1.54 2.21
C PRO A 315 -12.46 -0.37 1.57
N PRO A 316 -12.60 -0.22 0.24
CA PRO A 316 -11.80 0.78 -0.48
C PRO A 316 -11.93 2.20 0.07
N ALA A 317 -13.12 2.64 0.49
CA ALA A 317 -13.28 3.99 1.04
C ALA A 317 -12.47 4.16 2.34
N HIS A 318 -12.33 3.07 3.14
CA HIS A 318 -11.59 3.10 4.40
C HIS A 318 -10.09 3.06 4.20
N ARG A 319 -9.65 2.34 3.19
CA ARG A 319 -8.27 2.30 2.75
C ARG A 319 -7.89 3.72 2.23
N ASN A 320 -8.81 4.37 1.47
CA ASN A 320 -8.62 5.72 0.93
C ASN A 320 -8.46 6.72 2.09
N PHE A 321 -9.29 6.56 3.14
CA PHE A 321 -9.26 7.43 4.30
C PHE A 321 -7.88 7.39 4.96
N LEU A 322 -7.31 6.19 5.10
CA LEU A 322 -5.99 6.02 5.68
C LEU A 322 -4.87 6.69 4.90
N CYS A 323 -4.84 6.49 3.57
CA CYS A 323 -3.78 7.13 2.80
C CYS A 323 -3.98 8.69 2.77
N SER A 324 -5.23 9.17 2.86
CA SER A 324 -5.54 10.60 2.95
C SER A 324 -5.05 11.14 4.29
N LEU A 325 -5.20 10.37 5.38
CA LEU A 325 -4.66 10.79 6.68
C LEU A 325 -3.15 10.93 6.61
N GLU A 326 -2.49 10.02 5.90
CA GLU A 326 -1.05 10.00 5.69
C GLU A 326 -0.54 11.17 4.87
N SER A 327 -1.36 11.69 3.97
CA SER A 327 -1.05 12.81 3.10
C SER A 327 -1.15 14.18 3.83
N ASN A 328 -1.86 14.23 4.97
CA ASN A 328 -1.99 15.44 5.77
C ASN A 328 -0.75 15.69 6.62
N PRO A 329 -0.55 16.95 7.06
CA PRO A 329 0.61 17.25 7.92
C PRO A 329 0.63 16.41 9.19
N SER A 330 1.82 16.21 9.70
CA SER A 330 2.05 15.40 10.87
C SER A 330 1.71 16.15 12.15
N VAL A 331 0.78 15.60 12.94
CA VAL A 331 0.39 16.09 14.26
C VAL A 331 1.60 15.99 15.21
N ARG A 332 2.31 14.86 15.18
CA ARG A 332 3.50 14.64 15.99
C ARG A 332 4.58 15.69 15.70
N GLU A 333 4.88 15.95 14.42
CA GLU A 333 5.91 16.91 14.05
C GLU A 333 5.50 18.32 14.52
N PHE A 334 4.21 18.67 14.38
CA PHE A 334 3.68 19.95 14.82
C PHE A 334 3.88 20.11 16.32
N VAL A 335 3.45 19.12 17.13
CA VAL A 335 3.57 19.15 18.58
C VAL A 335 5.03 19.19 19.03
N LEU A 336 5.88 18.41 18.37
CA LEU A 336 7.31 18.37 18.69
C LEU A 336 8.02 19.71 18.43
N SER A 337 7.48 20.53 17.51
CA SER A 337 8.14 21.79 17.15
C SER A 337 7.69 23.01 17.95
N LYS A 338 6.75 22.85 18.91
CA LYS A 338 6.17 24.01 19.56
C LYS A 338 6.67 24.42 20.94
N GLY A 339 7.55 23.62 21.59
CA GLY A 339 8.06 23.92 22.94
C GLY A 339 6.94 24.24 23.92
N ASP A 340 5.91 23.40 23.90
CA ASP A 340 4.68 23.63 24.63
C ASP A 340 4.32 22.37 25.40
N ALA A 341 4.55 22.40 26.73
CA ALA A 341 4.31 21.29 27.64
C ALA A 341 2.88 20.79 27.62
N GLY A 342 1.90 21.70 27.68
CA GLY A 342 0.51 21.32 27.64
C GLY A 342 0.11 20.56 26.37
N LEU A 343 0.64 21.00 25.22
CA LEU A 343 0.33 20.34 23.94
C LEU A 343 1.01 18.97 23.87
N ARG A 344 2.25 18.88 24.37
CA ARG A 344 2.97 17.61 24.43
C ARG A 344 2.25 16.62 25.31
N GLU A 345 1.73 17.10 26.44
CA GLU A 345 1.01 16.27 27.37
C GLU A 345 -0.29 15.73 26.79
N ALA A 346 -1.01 16.55 26.03
CA ALA A 346 -2.24 16.12 25.39
C ALA A 346 -1.93 15.08 24.31
N TYR A 347 -0.85 15.28 23.54
CA TYR A 347 -0.43 14.32 22.51
C TYR A 347 -0.08 12.99 23.18
N ASP A 348 0.66 13.05 24.30
CA ASP A 348 1.06 11.88 25.08
C ASP A 348 -0.10 11.16 25.70
N ALA A 349 -1.16 11.87 26.07
CA ALA A 349 -2.36 11.21 26.59
C ALA A 349 -3.01 10.32 25.50
N CYS A 350 -2.94 10.73 24.21
CA CYS A 350 -3.47 9.91 23.11
C CYS A 350 -2.60 8.65 22.92
N VAL A 351 -1.28 8.83 22.88
CA VAL A 351 -0.34 7.73 22.71
C VAL A 351 -0.44 6.76 23.88
N LYS A 352 -0.49 7.29 25.13
CA LYS A 352 -0.62 6.48 26.35
C LYS A 352 -1.91 5.65 26.33
N ALA A 353 -3.03 6.21 25.85
CA ALA A 353 -4.28 5.48 25.75
C ALA A 353 -4.14 4.31 24.79
N LEU A 354 -3.40 4.47 23.69
CA LEU A 354 -3.13 3.40 22.73
C LEU A 354 -2.19 2.35 23.34
N VAL A 355 -1.19 2.78 24.11
CA VAL A 355 -0.28 1.85 24.82
C VAL A 355 -1.09 1.04 25.84
N SER A 356 -2.01 1.68 26.57
CA SER A 356 -2.83 0.98 27.57
C SER A 356 -3.72 -0.08 26.89
N LEU A 357 -4.33 0.26 25.74
CA LEU A 357 -5.16 -0.68 24.99
C LEU A 357 -4.32 -1.88 24.56
N ARG A 358 -3.12 -1.62 23.98
CA ARG A 358 -2.27 -2.70 23.49
C ARG A 358 -1.66 -3.54 24.60
N SER A 359 -1.42 -2.96 25.78
CA SER A 359 -0.86 -3.72 26.91
C SER A 359 -1.94 -4.66 27.46
N TYR A 360 -3.20 -4.17 27.56
CA TYR A 360 -4.31 -4.98 28.04
C TYR A 360 -4.60 -6.12 27.06
N HIS A 361 -4.53 -5.81 25.75
CA HIS A 361 -4.73 -6.76 24.67
C HIS A 361 -3.64 -7.85 24.70
N LEU A 362 -2.40 -7.51 25.06
CA LEU A 362 -1.34 -8.51 25.17
C LEU A 362 -1.67 -9.52 26.31
N GLN A 363 -2.28 -9.05 27.40
CA GLN A 363 -2.72 -9.93 28.48
C GLN A 363 -3.87 -10.82 28.01
N ILE A 364 -4.75 -10.32 27.17
CA ILE A 364 -5.83 -11.09 26.58
C ILE A 364 -5.29 -12.19 25.69
N VAL A 365 -4.30 -11.87 24.84
CA VAL A 365 -3.71 -12.87 23.97
C VAL A 365 -3.00 -13.97 24.79
N THR A 366 -2.40 -13.61 25.94
CA THR A 366 -1.76 -14.60 26.80
C THR A 366 -2.84 -15.59 27.34
N LYS A 367 -3.98 -15.06 27.77
CA LYS A 367 -5.07 -15.86 28.28
C LYS A 367 -5.73 -16.74 27.22
N TYR A 368 -5.99 -16.20 26.03
CA TYR A 368 -6.76 -16.91 25.02
C TYR A 368 -5.96 -17.70 24.03
N ILE A 369 -4.68 -17.40 23.85
CA ILE A 369 -3.85 -18.13 22.87
C ILE A 369 -2.65 -18.80 23.53
N LEU A 370 -1.81 -18.05 24.23
CA LEU A 370 -0.58 -18.58 24.81
C LEU A 370 -0.78 -19.73 25.79
N ILE A 371 -1.59 -19.51 26.83
CA ILE A 371 -1.85 -20.53 27.82
C ILE A 371 -2.53 -21.74 27.20
N PRO A 372 -3.66 -21.62 26.44
CA PRO A 372 -4.24 -22.82 25.79
C PRO A 372 -3.29 -23.57 24.86
N ALA A 373 -2.44 -22.86 24.10
CA ALA A 373 -1.47 -23.51 23.21
C ALA A 373 -0.49 -24.40 23.96
N SER A 374 -0.15 -24.01 25.22
CA SER A 374 0.77 -24.75 26.07
C SER A 374 0.13 -25.99 26.73
N GLN A 375 -1.22 -26.11 26.70
CA GLN A 375 -1.96 -27.22 27.32
C GLN A 375 -2.60 -28.20 26.31
N GLY A 396 2.15 -18.95 18.13
CA GLY A 396 1.82 -18.34 19.42
C GLY A 396 2.82 -17.27 19.79
N THR A 397 4.10 -17.65 19.83
CA THR A 397 5.16 -16.70 20.13
C THR A 397 5.34 -15.70 18.98
N ASP A 398 5.10 -16.13 17.72
N ASP A 398 5.11 -16.14 17.71
CA ASP A 398 5.18 -15.24 16.55
CA ASP A 398 5.20 -15.24 16.56
C ASP A 398 4.09 -14.16 16.64
C ASP A 398 4.08 -14.18 16.58
N LEU A 399 2.91 -14.53 17.15
CA LEU A 399 1.79 -13.62 17.31
C LEU A 399 2.15 -12.58 18.38
N MET A 400 2.75 -13.06 19.51
CA MET A 400 3.15 -12.20 20.61
C MET A 400 4.22 -11.24 20.19
N ASN A 401 5.19 -11.69 19.39
CA ASN A 401 6.27 -10.84 18.93
C ASN A 401 5.74 -9.73 18.02
N PHE A 402 4.72 -10.04 17.19
CA PHE A 402 4.11 -9.02 16.35
C PHE A 402 3.42 -7.99 17.24
N LEU A 403 2.61 -8.46 18.19
CA LEU A 403 1.88 -7.57 19.08
C LEU A 403 2.80 -6.71 19.95
N LYS A 404 3.91 -7.30 20.41
CA LYS A 404 4.91 -6.62 21.23
C LYS A 404 5.67 -5.58 20.42
N THR A 405 5.90 -5.81 19.13
CA THR A 405 6.55 -4.84 18.26
C THR A 405 5.63 -3.63 18.03
N VAL A 406 4.35 -3.89 17.76
CA VAL A 406 3.36 -2.82 17.58
C VAL A 406 3.22 -2.01 18.87
N ARG A 407 3.12 -2.71 20.01
CA ARG A 407 3.01 -2.04 21.30
C ARG A 407 4.27 -1.20 21.60
N SER A 408 5.45 -1.76 21.33
CA SER A 408 6.74 -1.13 21.58
C SER A 408 6.93 0.12 20.74
N THR A 409 6.55 0.08 19.45
CA THR A 409 6.60 1.20 18.53
C THR A 409 5.69 2.32 19.08
N THR A 410 4.51 1.93 19.64
CA THR A 410 3.61 2.90 20.25
C THR A 410 4.23 3.53 21.49
N GLU A 411 4.77 2.73 22.43
CA GLU A 411 5.37 3.23 23.67
C GLU A 411 6.55 4.15 23.35
N LYS A 412 7.38 3.79 22.37
CA LYS A 412 8.52 4.60 21.99
C LYS A 412 8.15 5.93 21.31
N SER A 413 6.86 6.14 20.97
CA SER A 413 6.36 7.40 20.39
C SER A 413 5.99 8.43 21.45
N LEU A 414 5.96 8.04 22.74
CA LEU A 414 5.69 8.98 23.83
C LEU A 414 6.81 10.01 23.86
N LEU A 415 6.46 11.27 24.00
CA LEU A 415 7.44 12.35 24.07
C LEU A 415 8.12 12.31 25.44
N LYS A 416 7.35 12.06 26.50
CA LYS A 416 7.86 11.90 27.88
C LYS A 416 7.47 10.47 28.32
N GLU A 417 8.36 9.76 29.05
CA GLU A 417 8.03 8.38 29.49
C GLU A 417 6.72 8.31 30.29
N THR B 25 -6.53 22.96 -12.08
CA THR B 25 -5.15 22.43 -12.13
C THR B 25 -4.76 21.72 -10.83
N ILE B 26 -3.84 20.76 -10.96
CA ILE B 26 -3.26 19.93 -9.87
C ILE B 26 -2.47 20.79 -8.86
N SER B 27 -2.76 20.63 -7.56
CA SER B 27 -2.13 21.34 -6.46
C SER B 27 -0.62 21.26 -6.50
N LYS B 28 0.02 22.37 -6.17
CA LYS B 28 1.48 22.46 -6.10
C LYS B 28 2.06 21.59 -4.97
N GLU B 29 1.24 21.21 -3.98
CA GLU B 29 1.63 20.33 -2.90
C GLU B 29 2.02 18.90 -3.41
N TYR B 30 1.63 18.54 -4.65
CA TYR B 30 1.97 17.23 -5.21
C TYR B 30 3.34 17.23 -5.90
N HIS B 31 3.94 18.41 -6.13
CA HIS B 31 5.26 18.57 -6.73
C HIS B 31 5.38 17.90 -8.09
N ILE B 32 4.39 18.16 -8.92
CA ILE B 32 4.36 17.72 -10.30
C ILE B 32 4.67 18.98 -11.10
N ASP B 33 5.76 18.97 -11.83
CA ASP B 33 6.18 20.09 -12.66
C ASP B 33 5.39 20.10 -13.96
N GLU B 34 5.11 21.28 -14.50
CA GLU B 34 4.34 21.43 -15.74
C GLU B 34 5.06 20.83 -16.93
N GLU B 35 6.38 20.95 -16.95
CA GLU B 35 7.18 20.45 -18.06
C GLU B 35 7.70 19.03 -17.86
N VAL B 36 8.28 18.72 -16.69
CA VAL B 36 8.91 17.40 -16.49
C VAL B 36 8.12 16.44 -15.63
N GLY B 37 6.91 16.81 -15.22
CA GLY B 37 6.02 15.95 -14.44
C GLY B 37 6.58 15.54 -13.11
N PHE B 38 6.72 14.23 -12.89
CA PHE B 38 7.27 13.70 -11.64
C PHE B 38 8.80 13.85 -11.52
N ALA B 39 9.50 14.19 -12.61
CA ALA B 39 10.95 14.43 -12.54
C ALA B 39 11.23 15.69 -11.73
N LEU B 40 12.44 15.78 -11.17
CA LEU B 40 12.84 16.95 -10.40
C LEU B 40 13.24 18.00 -11.40
N PRO B 41 12.57 19.17 -11.41
CA PRO B 41 12.94 20.19 -12.41
C PRO B 41 14.32 20.77 -12.13
N ASN B 42 15.13 21.04 -13.20
CA ASN B 42 16.51 21.58 -13.11
C ASN B 42 17.29 21.11 -11.88
N PRO B 43 17.62 19.80 -11.80
CA PRO B 43 18.27 19.29 -10.60
C PRO B 43 19.57 20.02 -10.25
N GLN B 44 19.87 20.15 -8.94
CA GLN B 44 21.12 20.78 -8.48
C GLN B 44 22.30 19.89 -8.91
N GLU B 45 23.39 20.51 -9.40
N GLU B 45 23.40 20.50 -9.40
CA GLU B 45 24.56 19.80 -9.89
CA GLU B 45 24.55 19.72 -9.83
C GLU B 45 25.72 19.79 -8.90
C GLU B 45 25.67 19.71 -8.79
N ASN B 46 25.81 20.81 -8.03
CA ASN B 46 26.87 20.90 -7.03
C ASN B 46 26.36 21.03 -5.62
N LEU B 47 27.05 20.42 -4.67
CA LEU B 47 26.69 20.52 -3.25
C LEU B 47 27.51 21.67 -2.62
N PRO B 48 27.16 22.19 -1.42
CA PRO B 48 28.03 23.19 -0.76
C PRO B 48 29.45 22.63 -0.55
N ASP B 49 30.46 23.51 -0.54
CA ASP B 49 31.88 23.16 -0.38
C ASP B 49 32.16 22.22 0.78
N PHE B 50 31.35 22.30 1.83
CA PHE B 50 31.46 21.43 3.00
C PHE B 50 31.44 19.94 2.61
N TYR B 51 30.68 19.60 1.56
CA TYR B 51 30.49 18.24 1.10
C TYR B 51 31.42 17.80 -0.03
N ASN B 52 32.53 18.54 -0.27
CA ASN B 52 33.50 18.22 -1.32
C ASN B 52 34.03 16.78 -1.27
N ASP B 53 34.17 16.19 -0.06
CA ASP B 53 34.68 14.82 0.09
C ASP B 53 33.68 13.79 -0.44
N TRP B 54 32.38 14.07 -0.33
CA TRP B 54 31.34 13.20 -0.88
C TRP B 54 31.36 13.35 -2.39
N MET B 55 31.35 14.60 -2.87
CA MET B 55 31.30 14.89 -4.30
C MET B 55 32.47 14.34 -5.06
N PHE B 56 33.69 14.40 -4.47
CA PHE B 56 34.86 13.86 -5.17
C PHE B 56 34.68 12.37 -5.45
N ILE B 57 34.27 11.61 -4.43
CA ILE B 57 34.06 10.17 -4.59
C ILE B 57 32.97 9.86 -5.64
N ALA B 58 31.78 10.51 -5.52
CA ALA B 58 30.66 10.32 -6.45
C ALA B 58 31.01 10.67 -7.89
N LYS B 59 31.73 11.76 -8.10
CA LYS B 59 32.15 12.17 -9.45
C LYS B 59 33.25 11.30 -10.03
N HIS B 60 33.97 10.51 -9.22
CA HIS B 60 35.04 9.66 -9.73
C HIS B 60 34.82 8.17 -9.51
N LEU B 61 33.53 7.73 -9.44
CA LEU B 61 33.23 6.31 -9.26
C LEU B 61 33.88 5.41 -10.31
N PRO B 62 33.81 5.70 -11.62
CA PRO B 62 34.44 4.79 -12.58
C PRO B 62 35.93 4.55 -12.33
N ASP B 63 36.68 5.61 -12.00
CA ASP B 63 38.13 5.48 -11.75
C ASP B 63 38.44 4.86 -10.42
N LEU B 64 37.75 5.30 -9.34
CA LEU B 64 37.99 4.76 -8.01
C LEU B 64 37.60 3.30 -7.91
N ILE B 65 36.51 2.89 -8.60
CA ILE B 65 36.09 1.51 -8.58
C ILE B 65 37.14 0.64 -9.26
N GLU B 66 37.50 0.98 -10.51
CA GLU B 66 38.43 0.19 -11.33
C GLU B 66 39.77 0.01 -10.65
N SER B 67 40.29 1.09 -10.04
CA SER B 67 41.58 1.08 -9.36
C SER B 67 41.57 0.41 -7.98
N GLY B 68 40.41 0.01 -7.48
CA GLY B 68 40.32 -0.59 -6.15
C GLY B 68 40.52 0.39 -5.01
N GLN B 69 40.36 1.69 -5.30
CA GLN B 69 40.54 2.75 -4.30
C GLN B 69 39.25 3.27 -3.70
N LEU B 70 38.09 2.89 -4.25
CA LEU B 70 36.82 3.41 -3.77
C LEU B 70 36.52 3.07 -2.30
N ARG B 71 36.62 1.80 -1.91
CA ARG B 71 36.29 1.40 -0.54
C ARG B 71 37.15 2.10 0.49
N GLU B 72 38.44 2.33 0.17
CA GLU B 72 39.37 3.02 1.05
C GLU B 72 38.96 4.49 1.17
N ARG B 73 38.62 5.16 0.04
CA ARG B 73 38.18 6.56 0.08
C ARG B 73 36.91 6.72 0.92
N VAL B 74 35.99 5.75 0.85
CA VAL B 74 34.77 5.79 1.65
C VAL B 74 35.09 5.57 3.12
N GLU B 75 35.97 4.61 3.42
CA GLU B 75 36.39 4.33 4.80
C GLU B 75 37.17 5.50 5.43
N LYS B 76 37.88 6.30 4.61
CA LYS B 76 38.65 7.47 5.06
C LYS B 76 37.79 8.72 5.31
N LEU B 77 36.49 8.68 4.98
CA LEU B 77 35.62 9.85 5.16
C LEU B 77 35.37 10.18 6.61
N ASN B 78 35.20 11.48 6.89
CA ASN B 78 34.76 11.95 8.20
C ASN B 78 33.22 12.01 8.14
N MET B 79 32.54 11.83 9.29
CA MET B 79 31.08 11.88 9.29
C MET B 79 30.61 13.31 9.13
N LEU B 80 30.09 13.66 7.95
CA LEU B 80 29.61 15.02 7.70
C LEU B 80 28.16 15.18 8.13
N SER B 81 27.84 16.30 8.77
CA SER B 81 26.48 16.56 9.23
C SER B 81 25.58 16.94 8.04
N ILE B 82 24.30 16.53 8.07
CA ILE B 82 23.37 16.87 6.99
C ILE B 82 22.69 18.25 7.16
N ASP B 83 22.99 18.98 8.24
CA ASP B 83 22.38 20.28 8.52
C ASP B 83 22.68 21.38 7.48
N HIS B 84 23.75 21.22 6.70
CA HIS B 84 24.10 22.22 5.68
C HIS B 84 23.42 21.97 4.32
N LEU B 85 22.47 21.02 4.25
CA LEU B 85 21.67 20.74 3.05
C LEU B 85 20.34 21.41 3.37
N THR B 86 20.23 22.69 3.01
CA THR B 86 19.14 23.58 3.44
C THR B 86 17.87 23.56 2.60
N ASP B 87 17.91 23.06 1.36
CA ASP B 87 16.72 23.00 0.52
C ASP B 87 16.50 21.61 -0.08
N HIS B 88 15.29 21.34 -0.59
CA HIS B 88 14.95 20.04 -1.18
C HIS B 88 15.93 19.60 -2.27
N LYS B 89 16.32 20.50 -3.20
CA LYS B 89 17.22 20.16 -4.29
C LYS B 89 18.61 19.71 -3.83
N SER B 90 19.20 20.39 -2.83
CA SER B 90 20.50 19.97 -2.32
C SER B 90 20.35 18.63 -1.56
N GLN B 91 19.22 18.39 -0.87
CA GLN B 91 18.99 17.13 -0.19
C GLN B 91 18.81 15.96 -1.18
N ARG B 92 18.18 16.25 -2.34
CA ARG B 92 17.94 15.26 -3.40
C ARG B 92 19.28 14.92 -4.07
N LEU B 93 20.13 15.93 -4.32
CA LEU B 93 21.45 15.71 -4.93
C LEU B 93 22.33 14.91 -3.95
N ALA B 94 22.26 15.22 -2.66
CA ALA B 94 23.03 14.52 -1.65
C ALA B 94 22.61 13.05 -1.57
N ARG B 95 21.29 12.78 -1.73
CA ARG B 95 20.74 11.42 -1.73
C ARG B 95 21.29 10.67 -2.93
N LEU B 96 21.37 11.32 -4.09
CA LEU B 96 21.90 10.70 -5.29
C LEU B 96 23.41 10.37 -5.10
N VAL B 97 24.18 11.36 -4.59
CA VAL B 97 25.60 11.23 -4.28
C VAL B 97 25.83 10.05 -3.32
N LEU B 98 25.20 10.04 -2.13
CA LEU B 98 25.37 8.98 -1.14
C LEU B 98 24.89 7.62 -1.62
N GLY B 99 23.82 7.61 -2.41
CA GLY B 99 23.27 6.37 -2.92
C GLY B 99 24.18 5.72 -3.94
N CYS B 100 24.77 6.51 -4.83
CA CYS B 100 25.70 5.99 -5.84
C CYS B 100 26.97 5.46 -5.16
N ILE B 101 27.45 6.17 -4.13
CA ILE B 101 28.59 5.76 -3.34
C ILE B 101 28.28 4.46 -2.62
N THR B 102 27.09 4.35 -1.99
CA THR B 102 26.65 3.12 -1.32
C THR B 102 26.65 1.92 -2.27
N MET B 103 26.09 2.08 -3.48
CA MET B 103 26.08 0.98 -4.46
C MET B 103 27.49 0.55 -4.84
N ALA B 104 28.37 1.52 -5.11
CA ALA B 104 29.74 1.23 -5.50
C ALA B 104 30.50 0.54 -4.34
N TYR B 105 30.23 0.97 -3.09
CA TYR B 105 30.88 0.40 -1.93
C TYR B 105 30.42 -1.04 -1.72
N VAL B 106 29.11 -1.28 -1.78
CA VAL B 106 28.57 -2.60 -1.56
C VAL B 106 29.02 -3.59 -2.64
N TRP B 107 28.92 -3.23 -3.92
CA TRP B 107 29.21 -4.16 -5.00
C TRP B 107 30.66 -4.17 -5.48
N GLY B 108 31.44 -3.17 -5.13
CA GLY B 108 32.83 -3.08 -5.53
C GLY B 108 33.02 -3.06 -7.03
N LYS B 109 33.89 -3.93 -7.55
CA LYS B 109 34.11 -3.99 -8.99
C LYS B 109 33.02 -4.73 -9.78
N GLY B 110 31.98 -5.22 -9.11
CA GLY B 110 30.90 -5.92 -9.76
C GLY B 110 31.23 -7.33 -10.20
N HIS B 111 32.20 -7.94 -9.51
CA HIS B 111 32.63 -9.31 -9.81
C HIS B 111 32.19 -10.32 -8.72
N GLY B 112 31.47 -9.89 -7.69
CA GLY B 112 30.98 -10.79 -6.65
C GLY B 112 31.52 -10.55 -5.25
N ASP B 113 32.58 -9.73 -5.11
CA ASP B 113 33.14 -9.45 -3.78
C ASP B 113 32.35 -8.31 -3.20
N VAL B 114 31.48 -8.65 -2.26
CA VAL B 114 30.58 -7.69 -1.67
C VAL B 114 30.97 -7.23 -0.27
N ARG B 115 30.46 -6.06 0.15
CA ARG B 115 30.61 -5.53 1.48
C ARG B 115 29.24 -5.58 2.12
N LYS B 116 29.17 -6.13 3.31
CA LYS B 116 27.92 -6.27 4.05
C LYS B 116 27.72 -5.23 5.16
N VAL B 117 28.67 -4.31 5.34
CA VAL B 117 28.55 -3.27 6.34
C VAL B 117 28.87 -1.94 5.67
N LEU B 118 27.96 -0.97 5.76
CA LEU B 118 28.19 0.36 5.19
C LEU B 118 28.79 1.19 6.33
N PRO B 119 30.01 1.72 6.15
CA PRO B 119 30.66 2.47 7.25
C PRO B 119 29.81 3.60 7.81
N ARG B 120 29.88 3.82 9.13
CA ARG B 120 29.11 4.83 9.85
C ARG B 120 29.23 6.22 9.30
N ASN B 121 30.42 6.61 8.81
CA ASN B 121 30.61 7.96 8.26
C ASN B 121 29.74 8.26 7.04
N ILE B 122 29.29 7.21 6.30
CA ILE B 122 28.39 7.41 5.18
C ILE B 122 26.97 6.97 5.55
N ALA B 123 26.85 5.82 6.23
CA ALA B 123 25.57 5.27 6.66
C ALA B 123 24.73 6.18 7.54
N VAL B 124 25.36 6.88 8.52
CA VAL B 124 24.60 7.76 9.41
C VAL B 124 24.02 8.96 8.63
N PRO B 125 24.80 9.81 7.90
CA PRO B 125 24.17 10.92 7.17
C PRO B 125 23.22 10.45 6.07
N TYR B 126 23.46 9.27 5.49
CA TYR B 126 22.59 8.73 4.45
C TYR B 126 21.24 8.39 5.05
N CYS B 127 21.21 7.64 6.17
CA CYS B 127 19.95 7.31 6.82
C CYS B 127 19.21 8.52 7.37
N GLN B 128 19.96 9.51 7.88
CA GLN B 128 19.35 10.72 8.42
C GLN B 128 18.65 11.52 7.32
N LEU B 129 19.33 11.67 6.19
CA LEU B 129 18.82 12.40 5.03
C LEU B 129 17.62 11.67 4.42
N SER B 130 17.66 10.33 4.43
CA SER B 130 16.61 9.47 3.93
C SER B 130 15.36 9.59 4.80
N LYS B 131 15.53 9.67 6.13
CA LYS B 131 14.42 9.87 7.06
C LYS B 131 13.76 11.23 6.79
N LYS B 132 14.59 12.27 6.55
CA LYS B 132 14.17 13.63 6.24
C LYS B 132 13.34 13.69 4.94
N LEU B 133 13.78 13.01 3.87
CA LEU B 133 13.04 13.02 2.62
C LEU B 133 11.97 11.93 2.50
N GLU B 134 11.78 11.11 3.58
CA GLU B 134 10.84 10.00 3.66
C GLU B 134 11.08 9.00 2.53
N LEU B 135 12.34 8.68 2.29
CA LEU B 135 12.76 7.72 1.29
C LEU B 135 13.69 6.71 1.96
N PRO B 136 13.69 5.45 1.51
CA PRO B 136 14.59 4.46 2.14
C PRO B 136 16.06 4.73 1.82
N PRO B 137 17.01 4.27 2.68
CA PRO B 137 18.43 4.51 2.40
C PRO B 137 19.06 3.58 1.34
N ILE B 138 18.56 3.70 0.12
CA ILE B 138 19.02 2.95 -1.05
C ILE B 138 18.66 3.82 -2.28
N LEU B 139 19.44 3.75 -3.35
CA LEU B 139 19.15 4.49 -4.58
C LEU B 139 17.75 4.07 -5.11
N VAL B 140 16.90 5.05 -5.36
CA VAL B 140 15.56 4.80 -5.91
C VAL B 140 15.50 5.45 -7.31
N TYR B 141 14.45 5.15 -8.08
CA TYR B 141 14.15 5.73 -9.39
C TYR B 141 14.17 7.27 -9.33
N ALA B 142 13.63 7.85 -8.25
CA ALA B 142 13.62 9.32 -8.06
C ALA B 142 15.02 9.93 -7.89
N ASP B 143 16.00 9.11 -7.48
CA ASP B 143 17.37 9.62 -7.38
C ASP B 143 18.05 9.51 -8.75
N CYS B 144 18.22 8.29 -9.21
CA CYS B 144 19.01 7.89 -10.34
C CYS B 144 18.42 8.23 -11.70
N VAL B 145 17.10 8.42 -11.78
CA VAL B 145 16.47 8.81 -13.03
C VAL B 145 15.93 10.26 -12.94
N LEU B 146 15.07 10.52 -11.96
CA LEU B 146 14.39 11.80 -11.83
C LEU B 146 15.26 13.00 -11.42
N ALA B 147 16.33 12.78 -10.66
CA ALA B 147 17.20 13.87 -10.22
C ALA B 147 18.64 13.78 -10.77
N ASN B 148 18.95 12.77 -11.58
CA ASN B 148 20.32 12.54 -12.09
C ASN B 148 20.50 13.05 -13.51
N TRP B 149 20.19 14.34 -13.72
CA TRP B 149 20.25 14.88 -15.08
C TRP B 149 20.49 16.39 -15.14
N LYS B 150 20.92 16.85 -16.32
CA LYS B 150 21.16 18.27 -16.59
C LYS B 150 21.00 18.55 -18.06
N LYS B 151 20.72 19.81 -18.40
CA LYS B 151 20.72 20.26 -19.79
C LYS B 151 22.16 20.69 -20.08
N LYS B 152 22.66 20.39 -21.28
CA LYS B 152 23.98 20.85 -21.70
C LYS B 152 23.89 22.36 -21.98
N ASP B 153 22.84 22.76 -22.72
CA ASP B 153 22.56 24.15 -23.06
C ASP B 153 21.19 24.48 -22.50
N PRO B 154 21.13 25.36 -21.48
CA PRO B 154 19.83 25.75 -20.90
C PRO B 154 18.86 26.40 -21.90
N ASN B 155 19.36 26.90 -23.03
CA ASN B 155 18.51 27.53 -24.03
C ASN B 155 17.94 26.54 -25.07
N LYS B 156 18.36 25.26 -25.02
CA LYS B 156 17.85 24.25 -25.94
C LYS B 156 16.84 23.32 -25.24
N PRO B 157 15.91 22.68 -25.98
CA PRO B 157 14.89 21.84 -25.32
C PRO B 157 15.39 20.54 -24.65
N LEU B 158 14.47 19.82 -23.99
CA LEU B 158 14.78 18.56 -23.33
C LEU B 158 14.81 17.42 -24.33
N THR B 159 15.96 17.24 -24.95
CA THR B 159 16.22 16.20 -25.94
C THR B 159 17.46 15.43 -25.49
N TYR B 160 17.61 14.19 -25.94
CA TYR B 160 18.78 13.37 -25.57
C TYR B 160 20.11 14.07 -25.88
N GLU B 161 20.18 14.69 -27.07
CA GLU B 161 21.37 15.42 -27.53
C GLU B 161 21.73 16.59 -26.61
N ASN B 162 20.73 17.21 -26.00
CA ASN B 162 20.98 18.34 -25.11
C ASN B 162 21.00 17.94 -23.62
N MET B 163 21.15 16.65 -23.30
CA MET B 163 21.12 16.23 -21.90
C MET B 163 22.28 15.34 -21.52
N ASP B 164 22.53 15.26 -20.22
CA ASP B 164 23.52 14.37 -19.66
C ASP B 164 23.10 13.97 -18.24
N VAL B 165 23.65 12.87 -17.75
CA VAL B 165 23.44 12.42 -16.38
C VAL B 165 24.51 13.08 -15.49
N LEU B 166 24.29 13.12 -14.17
CA LEU B 166 25.27 13.70 -13.25
C LEU B 166 26.26 12.64 -12.79
N PHE B 167 25.79 11.38 -12.58
CA PHE B 167 26.63 10.28 -12.10
C PHE B 167 26.44 8.97 -12.86
N SER B 168 27.56 8.28 -13.06
CA SER B 168 27.65 6.97 -13.70
C SER B 168 28.45 6.04 -12.76
N PHE B 169 28.43 4.74 -13.02
CA PHE B 169 29.17 3.79 -12.17
C PHE B 169 30.51 3.39 -12.78
N ARG B 170 30.52 3.00 -14.06
CA ARG B 170 31.72 2.52 -14.74
C ARG B 170 31.74 3.08 -16.16
N ASP B 171 32.95 3.18 -16.74
CA ASP B 171 33.05 3.62 -18.14
C ASP B 171 32.42 2.54 -19.06
N GLY B 172 31.65 2.97 -20.03
CA GLY B 172 30.96 2.05 -20.93
C GLY B 172 29.76 1.33 -20.34
N ASP B 173 29.29 1.75 -19.13
CA ASP B 173 28.14 1.07 -18.51
C ASP B 173 26.77 1.43 -19.12
N CYS B 174 26.73 2.39 -20.06
CA CYS B 174 25.49 2.83 -20.71
C CYS B 174 24.48 3.46 -19.73
N SER B 175 24.97 3.99 -18.61
CA SER B 175 24.10 4.61 -17.61
C SER B 175 23.44 5.83 -18.18
N LYS B 176 24.14 6.61 -19.02
CA LYS B 176 23.55 7.78 -19.67
C LYS B 176 22.32 7.40 -20.51
N GLY B 177 22.49 6.45 -21.43
CA GLY B 177 21.41 5.97 -22.28
C GLY B 177 20.24 5.38 -21.51
N PHE B 178 20.50 4.53 -20.51
CA PHE B 178 19.44 3.89 -19.74
C PHE B 178 18.68 4.87 -18.88
N PHE B 179 19.40 5.72 -18.12
CA PHE B 179 18.74 6.70 -17.23
C PHE B 179 18.03 7.78 -18.03
N LEU B 180 18.67 8.33 -19.06
CA LEU B 180 18.05 9.41 -19.86
C LEU B 180 16.87 8.95 -20.72
N VAL B 181 16.90 7.75 -21.30
CA VAL B 181 15.78 7.27 -22.09
C VAL B 181 14.56 7.02 -21.16
N SER B 182 14.81 6.51 -19.94
CA SER B 182 13.75 6.32 -18.93
C SER B 182 13.16 7.68 -18.59
N LEU B 183 14.03 8.68 -18.34
CA LEU B 183 13.62 10.03 -18.02
C LEU B 183 12.80 10.66 -19.15
N LEU B 184 13.23 10.48 -20.39
CA LEU B 184 12.52 11.05 -21.53
C LEU B 184 11.14 10.44 -21.69
N VAL B 185 10.99 9.11 -21.51
CA VAL B 185 9.69 8.46 -21.60
C VAL B 185 8.81 8.97 -20.44
N GLU B 186 9.39 9.06 -19.23
CA GLU B 186 8.73 9.56 -18.02
C GLU B 186 8.19 10.99 -18.25
N ILE B 187 8.98 11.86 -18.90
CA ILE B 187 8.58 13.24 -19.23
C ILE B 187 7.50 13.28 -20.34
N ALA B 188 7.61 12.42 -21.38
CA ALA B 188 6.61 12.37 -22.44
C ALA B 188 5.25 11.91 -21.89
N ALA B 189 5.25 10.90 -21.02
CA ALA B 189 4.00 10.40 -20.42
C ALA B 189 3.38 11.44 -19.47
N ALA B 190 4.21 12.28 -18.84
CA ALA B 190 3.74 13.32 -17.92
C ALA B 190 2.87 14.39 -18.57
N SER B 191 2.96 14.56 -19.90
CA SER B 191 2.12 15.56 -20.57
C SER B 191 0.61 15.18 -20.45
N ALA B 192 0.28 13.90 -20.22
CA ALA B 192 -1.09 13.49 -20.01
C ALA B 192 -1.61 13.81 -18.58
N ILE B 193 -0.72 14.16 -17.62
CA ILE B 193 -1.11 14.47 -16.24
C ILE B 193 -2.01 15.70 -16.16
N LYS B 194 -1.69 16.76 -16.92
CA LYS B 194 -2.51 17.97 -16.91
C LYS B 194 -3.96 17.72 -17.38
N VAL B 195 -4.22 16.61 -18.05
CA VAL B 195 -5.56 16.25 -18.51
C VAL B 195 -6.38 15.56 -17.38
N ILE B 196 -5.71 15.06 -16.34
CA ILE B 196 -6.39 14.38 -15.22
C ILE B 196 -7.47 15.26 -14.57
N PRO B 197 -7.23 16.55 -14.21
CA PRO B 197 -8.31 17.36 -13.63
C PRO B 197 -9.50 17.51 -14.56
N THR B 198 -9.25 17.59 -15.88
CA THR B 198 -10.30 17.70 -16.90
C THR B 198 -11.18 16.45 -16.88
N VAL B 199 -10.55 15.27 -16.79
CA VAL B 199 -11.28 14.00 -16.73
C VAL B 199 -12.24 13.95 -15.53
N PHE B 200 -11.73 14.28 -14.34
CA PHE B 200 -12.56 14.23 -13.13
C PHE B 200 -13.62 15.32 -13.06
N LYS B 201 -13.32 16.52 -13.57
CA LYS B 201 -14.31 17.59 -13.60
C LYS B 201 -15.41 17.22 -14.59
N ALA B 202 -15.05 16.68 -15.77
CA ALA B 202 -16.02 16.26 -16.78
C ALA B 202 -16.94 15.18 -16.25
N MET B 203 -16.41 14.22 -15.47
CA MET B 203 -17.24 13.17 -14.91
C MET B 203 -18.24 13.73 -13.89
N GLN B 204 -17.79 14.60 -12.98
CA GLN B 204 -18.62 15.23 -11.94
C GLN B 204 -19.71 16.15 -12.54
N MET B 205 -19.34 16.98 -13.54
CA MET B 205 -20.26 17.88 -14.22
C MET B 205 -21.08 17.19 -15.32
N GLN B 206 -20.89 15.88 -15.54
CA GLN B 206 -21.56 15.10 -16.56
C GLN B 206 -21.37 15.71 -17.94
N GLU B 207 -20.14 16.11 -18.27
CA GLU B 207 -19.78 16.69 -19.54
C GLU B 207 -19.22 15.61 -20.46
N ARG B 208 -20.12 14.85 -21.11
CA ARG B 208 -19.76 13.78 -22.02
C ARG B 208 -18.74 14.17 -23.09
N ASP B 209 -18.96 15.27 -23.82
CA ASP B 209 -18.05 15.63 -24.90
C ASP B 209 -16.67 16.03 -24.35
N THR B 210 -16.63 16.71 -23.19
CA THR B 210 -15.36 17.10 -22.60
C THR B 210 -14.57 15.85 -22.17
N LEU B 211 -15.26 14.88 -21.58
CA LEU B 211 -14.64 13.64 -21.14
C LEU B 211 -14.08 12.84 -22.31
N LEU B 212 -14.84 12.74 -23.39
CA LEU B 212 -14.39 12.03 -24.58
C LEU B 212 -13.11 12.66 -25.14
N LYS B 213 -13.11 13.98 -25.26
CA LYS B 213 -11.95 14.72 -25.78
C LYS B 213 -10.74 14.54 -24.85
N ALA B 214 -10.97 14.52 -23.53
CA ALA B 214 -9.89 14.34 -22.56
C ALA B 214 -9.26 12.96 -22.67
N LEU B 215 -10.08 11.90 -22.79
CA LEU B 215 -9.60 10.54 -22.96
C LEU B 215 -8.77 10.38 -24.24
N LEU B 216 -9.21 11.05 -25.34
CA LEU B 216 -8.47 10.99 -26.61
C LEU B 216 -7.10 11.69 -26.51
N GLU B 217 -7.01 12.78 -25.72
N GLU B 217 -7.04 12.77 -25.71
CA GLU B 217 -5.74 13.47 -25.54
CA GLU B 217 -5.80 13.53 -25.47
C GLU B 217 -4.78 12.61 -24.70
C GLU B 217 -4.80 12.72 -24.63
N ILE B 218 -5.31 11.89 -23.70
CA ILE B 218 -4.46 11.02 -22.88
C ILE B 218 -3.93 9.88 -23.76
N ALA B 219 -4.77 9.31 -24.63
CA ALA B 219 -4.35 8.25 -25.53
C ALA B 219 -3.24 8.78 -26.48
N SER B 220 -3.42 10.00 -26.96
CA SER B 220 -2.45 10.66 -27.82
C SER B 220 -1.10 10.84 -27.10
N CYS B 221 -1.10 11.24 -25.82
CA CYS B 221 0.13 11.40 -25.04
C CYS B 221 0.84 10.07 -24.85
N LEU B 222 0.08 9.02 -24.54
CA LEU B 222 0.64 7.69 -24.37
C LEU B 222 1.19 7.09 -25.65
N GLU B 223 0.58 7.44 -26.81
CA GLU B 223 1.04 7.01 -28.13
C GLU B 223 2.39 7.71 -28.43
N LYS B 224 2.50 9.00 -28.12
CA LYS B 224 3.72 9.79 -28.29
C LYS B 224 4.88 9.23 -27.44
N ALA B 225 4.58 8.76 -26.22
CA ALA B 225 5.59 8.22 -25.33
C ALA B 225 6.21 6.91 -25.87
N LEU B 226 5.49 6.16 -26.69
CA LEU B 226 6.00 4.92 -27.28
C LEU B 226 7.13 5.21 -28.27
N GLN B 227 7.00 6.30 -29.03
CA GLN B 227 8.02 6.69 -30.00
C GLN B 227 9.32 7.03 -29.28
N VAL B 228 9.20 7.76 -28.14
CA VAL B 228 10.32 8.15 -27.29
C VAL B 228 11.10 6.93 -26.79
N PHE B 229 10.40 5.83 -26.51
CA PHE B 229 10.98 4.56 -26.06
C PHE B 229 11.96 3.93 -27.08
N HIS B 230 11.71 4.12 -28.40
CA HIS B 230 12.52 3.51 -29.48
C HIS B 230 14.02 3.85 -29.39
N GLN B 231 14.35 5.02 -28.81
CA GLN B 231 15.71 5.51 -28.64
C GLN B 231 16.60 4.61 -27.82
N ILE B 232 16.03 3.69 -27.03
CA ILE B 232 16.82 2.81 -26.17
C ILE B 232 17.90 2.04 -26.93
N HIS B 233 17.56 1.55 -28.15
CA HIS B 233 18.45 0.76 -29.00
C HIS B 233 19.68 1.54 -29.45
N ASP B 234 19.56 2.86 -29.59
CA ASP B 234 20.69 3.68 -30.01
C ASP B 234 21.64 4.02 -28.89
N HIS B 235 21.19 3.96 -27.62
CA HIS B 235 22.05 4.43 -26.52
C HIS B 235 22.40 3.37 -25.47
N VAL B 236 21.88 2.15 -25.62
CA VAL B 236 22.19 1.09 -24.67
C VAL B 236 22.56 -0.15 -25.46
N ASN B 237 23.62 -0.85 -25.05
CA ASN B 237 23.98 -2.11 -25.71
C ASN B 237 23.78 -3.26 -24.71
N PRO B 238 23.19 -4.37 -25.19
CA PRO B 238 22.88 -5.49 -24.28
C PRO B 238 24.00 -5.99 -23.37
N LYS B 239 25.21 -6.19 -23.91
CA LYS B 239 26.35 -6.70 -23.14
C LYS B 239 26.69 -5.83 -21.92
N ALA B 240 26.92 -4.53 -22.16
CA ALA B 240 27.30 -3.60 -21.10
C ALA B 240 26.19 -3.44 -20.09
N PHE B 241 24.93 -3.34 -20.55
CA PHE B 241 23.79 -3.21 -19.64
C PHE B 241 23.68 -4.45 -18.73
N PHE B 242 23.67 -5.65 -19.35
CA PHE B 242 23.47 -6.87 -18.58
C PHE B 242 24.64 -7.19 -17.63
N SER B 243 25.88 -7.14 -18.13
CA SER B 243 27.01 -7.54 -17.33
C SER B 243 27.57 -6.46 -16.41
N VAL B 244 27.31 -5.17 -16.72
CA VAL B 244 27.85 -4.09 -15.89
C VAL B 244 26.77 -3.28 -15.15
N LEU B 245 25.91 -2.52 -15.86
CA LEU B 245 24.93 -1.65 -15.22
C LEU B 245 24.00 -2.38 -14.26
N ARG B 246 23.43 -3.52 -14.68
CA ARG B 246 22.51 -4.33 -13.89
C ARG B 246 23.07 -4.69 -12.49
N ILE B 247 24.38 -5.01 -12.40
CA ILE B 247 25.01 -5.36 -11.11
C ILE B 247 24.95 -4.20 -10.10
N TYR B 248 25.29 -2.97 -10.53
CA TYR B 248 25.30 -1.82 -9.63
C TYR B 248 23.93 -1.39 -9.15
N LEU B 249 22.87 -1.73 -9.91
CA LEU B 249 21.52 -1.33 -9.55
C LEU B 249 20.79 -2.37 -8.67
N SER B 250 21.47 -3.47 -8.28
CA SER B 250 20.86 -4.46 -7.39
C SER B 250 20.70 -3.94 -5.99
N GLY B 251 19.65 -4.40 -5.32
CA GLY B 251 19.43 -4.06 -3.95
C GLY B 251 19.76 -5.23 -3.03
N TRP B 252 19.22 -5.17 -1.83
CA TRP B 252 19.50 -6.20 -0.84
C TRP B 252 18.23 -6.63 -0.15
N LYS B 253 17.27 -7.13 -0.93
CA LYS B 253 16.02 -7.66 -0.39
C LYS B 253 15.80 -8.96 -1.14
N GLY B 254 15.88 -10.08 -0.44
CA GLY B 254 15.80 -11.39 -1.07
C GLY B 254 16.99 -11.64 -1.98
N ASN B 255 18.13 -10.98 -1.70
CA ASN B 255 19.34 -11.13 -2.50
C ASN B 255 20.25 -12.15 -1.82
N PRO B 256 20.54 -13.29 -2.49
CA PRO B 256 21.43 -14.28 -1.88
C PRO B 256 22.83 -13.77 -1.54
N GLN B 257 23.32 -12.74 -2.26
CA GLN B 257 24.62 -12.14 -1.95
C GLN B 257 24.63 -11.35 -0.62
N LEU B 258 23.47 -10.88 -0.18
CA LEU B 258 23.28 -10.14 1.07
C LEU B 258 21.97 -10.64 1.68
N SER B 259 21.91 -11.96 1.95
CA SER B 259 20.71 -12.66 2.45
C SER B 259 19.99 -12.01 3.64
N ASP B 260 20.70 -11.28 4.52
CA ASP B 260 20.05 -10.62 5.66
C ASP B 260 19.88 -9.09 5.51
N GLY B 261 20.39 -8.54 4.42
CA GLY B 261 20.35 -7.10 4.20
C GLY B 261 21.70 -6.47 4.40
N LEU B 262 21.71 -5.17 4.61
CA LEU B 262 22.94 -4.42 4.76
C LEU B 262 22.99 -3.77 6.12
N VAL B 263 24.17 -3.79 6.76
CA VAL B 263 24.31 -3.13 8.05
C VAL B 263 24.58 -1.66 7.80
N TYR B 264 23.72 -0.78 8.32
CA TYR B 264 23.88 0.66 8.21
C TYR B 264 24.51 1.09 9.54
N GLU B 265 25.84 0.89 9.63
CA GLU B 265 26.63 1.09 10.83
C GLU B 265 26.39 2.41 11.53
N GLY B 266 26.09 2.35 12.82
CA GLY B 266 25.84 3.56 13.60
C GLY B 266 24.41 4.05 13.60
N PHE B 267 23.59 3.58 12.64
CA PHE B 267 22.20 4.01 12.56
C PHE B 267 21.22 2.95 13.08
N TRP B 268 21.35 1.69 12.61
CA TRP B 268 20.54 0.55 13.07
C TRP B 268 21.50 -0.57 13.46
N GLU B 269 21.12 -1.36 14.49
CA GLU B 269 21.97 -2.46 14.93
C GLU B 269 21.94 -3.67 13.99
N ASP B 270 20.74 -4.07 13.55
CA ASP B 270 20.57 -5.24 12.66
C ASP B 270 20.60 -4.88 11.17
N PRO B 271 21.02 -5.80 10.28
CA PRO B 271 21.02 -5.47 8.84
C PRO B 271 19.60 -5.28 8.30
N LYS B 272 19.42 -4.33 7.37
CA LYS B 272 18.10 -4.04 6.81
C LYS B 272 18.02 -4.37 5.33
N GLU B 273 16.86 -4.85 4.91
CA GLU B 273 16.61 -5.19 3.52
C GLU B 273 15.84 -4.09 2.81
N PHE B 274 16.34 -3.67 1.65
CA PHE B 274 15.67 -2.68 0.82
C PHE B 274 15.77 -3.13 -0.62
N ALA B 275 14.68 -2.96 -1.39
CA ALA B 275 14.70 -3.35 -2.80
C ALA B 275 15.52 -2.36 -3.61
N GLY B 276 16.16 -2.85 -4.66
CA GLY B 276 16.93 -1.99 -5.54
C GLY B 276 16.04 -1.07 -6.34
N GLY B 277 16.65 -0.05 -6.95
CA GLY B 277 15.96 0.92 -7.78
C GLY B 277 15.21 0.25 -8.92
N SER B 278 13.95 0.63 -9.09
CA SER B 278 13.09 0.01 -10.07
C SER B 278 12.20 1.00 -10.78
N ALA B 279 11.89 0.75 -12.07
CA ALA B 279 10.91 1.57 -12.76
C ALA B 279 9.49 1.26 -12.25
N GLY B 280 9.29 0.21 -11.44
CA GLY B 280 8.07 -0.02 -10.68
C GLY B 280 7.84 1.13 -9.69
N GLN B 281 8.87 1.95 -9.43
CA GLN B 281 8.84 3.15 -8.58
C GLN B 281 8.41 4.40 -9.37
N SER B 282 8.25 4.31 -10.71
CA SER B 282 7.79 5.43 -11.52
C SER B 282 6.33 5.74 -11.13
N SER B 283 6.09 6.97 -10.74
CA SER B 283 4.74 7.42 -10.38
C SER B 283 3.87 7.63 -11.61
N VAL B 284 4.46 8.03 -12.75
CA VAL B 284 3.63 8.33 -13.93
C VAL B 284 2.94 7.07 -14.51
N PHE B 285 3.63 5.91 -14.52
CA PHE B 285 3.02 4.68 -14.99
C PHE B 285 2.01 4.14 -14.01
N GLN B 286 2.28 4.26 -12.69
CA GLN B 286 1.29 3.84 -11.70
C GLN B 286 0.03 4.75 -11.79
N CYS B 287 0.22 6.04 -12.09
N CYS B 287 0.23 6.02 -12.06
CA CYS B 287 -0.86 7.01 -12.22
CA CYS B 287 -0.80 7.03 -12.18
C CYS B 287 -1.83 6.66 -13.31
C CYS B 287 -1.80 6.72 -13.32
N PHE B 288 -1.34 6.29 -14.51
CA PHE B 288 -2.26 5.93 -15.59
C PHE B 288 -3.00 4.61 -15.34
N ASP B 289 -2.39 3.68 -14.58
CA ASP B 289 -3.09 2.45 -14.21
C ASP B 289 -4.20 2.81 -13.20
N VAL B 290 -3.91 3.73 -12.26
CA VAL B 290 -4.93 4.15 -11.29
C VAL B 290 -6.06 4.92 -12.03
N LEU B 291 -5.69 5.86 -12.88
CA LEU B 291 -6.63 6.67 -13.63
C LEU B 291 -7.58 5.83 -14.48
N LEU B 292 -7.05 4.82 -15.17
CA LEU B 292 -7.86 3.99 -16.03
C LEU B 292 -8.51 2.78 -15.37
N GLY B 293 -8.43 2.67 -14.04
CA GLY B 293 -9.04 1.58 -13.29
C GLY B 293 -8.43 0.22 -13.52
N ILE B 294 -7.16 0.19 -13.99
CA ILE B 294 -6.43 -1.04 -14.22
C ILE B 294 -5.89 -1.35 -12.82
N GLN B 295 -6.53 -2.28 -12.14
CA GLN B 295 -6.19 -2.57 -10.75
C GLN B 295 -4.92 -3.39 -10.61
N GLN B 296 -3.77 -2.77 -10.89
CA GLN B 296 -2.48 -3.44 -10.82
C GLN B 296 -2.13 -3.93 -9.44
N THR B 297 -2.61 -3.24 -8.39
CA THR B 297 -2.31 -3.61 -7.00
C THR B 297 -3.38 -4.54 -6.35
N ALA B 298 -4.40 -4.98 -7.10
CA ALA B 298 -5.42 -5.88 -6.58
C ALA B 298 -5.05 -7.37 -6.78
N GLY B 299 -5.67 -8.28 -6.04
CA GLY B 299 -5.57 -9.71 -6.30
C GLY B 299 -4.63 -10.63 -5.53
N GLY B 300 -3.77 -10.07 -4.68
CA GLY B 300 -2.85 -10.86 -3.87
C GLY B 300 -1.61 -11.45 -4.55
N GLY B 301 -1.53 -11.30 -5.86
CA GLY B 301 -0.40 -11.82 -6.62
C GLY B 301 0.90 -11.10 -6.35
N HIS B 302 2.01 -11.68 -6.81
CA HIS B 302 3.32 -11.08 -6.59
C HIS B 302 3.52 -9.75 -7.31
N ALA B 303 2.98 -9.61 -8.52
CA ALA B 303 3.13 -8.36 -9.29
C ALA B 303 2.44 -7.20 -8.58
N ALA B 304 1.23 -7.45 -8.04
CA ALA B 304 0.42 -6.49 -7.28
C ALA B 304 1.16 -6.07 -6.00
N GLN B 305 1.72 -7.04 -5.28
CA GLN B 305 2.45 -6.78 -4.05
C GLN B 305 3.68 -5.92 -4.34
N PHE B 306 4.40 -6.22 -5.44
CA PHE B 306 5.60 -5.48 -5.79
C PHE B 306 5.29 -4.02 -6.11
N LEU B 307 4.30 -3.75 -6.97
CA LEU B 307 3.93 -2.38 -7.33
C LEU B 307 3.39 -1.59 -6.15
N GLN B 308 2.69 -2.26 -5.23
CA GLN B 308 2.21 -1.58 -4.03
C GLN B 308 3.41 -1.22 -3.14
N ASP B 309 4.34 -2.18 -2.91
CA ASP B 309 5.52 -1.91 -2.09
C ASP B 309 6.37 -0.79 -2.68
N MET B 310 6.45 -0.68 -4.03
CA MET B 310 7.28 0.35 -4.64
C MET B 310 6.80 1.78 -4.41
N ARG B 311 5.55 1.97 -3.97
CA ARG B 311 5.03 3.33 -3.65
C ARG B 311 5.72 3.96 -2.47
N ARG B 312 6.16 3.12 -1.52
CA ARG B 312 6.93 3.62 -0.37
C ARG B 312 8.36 4.03 -0.77
N TYR B 313 8.77 3.77 -2.03
CA TYR B 313 10.06 4.19 -2.55
C TYR B 313 9.96 5.43 -3.43
N MET B 314 8.75 6.02 -3.55
CA MET B 314 8.50 7.24 -4.31
C MET B 314 8.56 8.41 -3.35
N PRO B 315 8.86 9.64 -3.84
CA PRO B 315 8.79 10.81 -2.95
C PRO B 315 7.38 10.93 -2.33
N PRO B 316 7.30 11.33 -1.05
CA PRO B 316 6.01 11.35 -0.37
C PRO B 316 4.92 12.15 -1.08
N ALA B 317 5.22 13.30 -1.68
CA ALA B 317 4.21 14.07 -2.40
C ALA B 317 3.64 13.29 -3.60
N HIS B 318 4.47 12.45 -4.26
CA HIS B 318 4.05 11.62 -5.41
C HIS B 318 3.25 10.40 -4.99
N ARG B 319 3.60 9.84 -3.84
CA ARG B 319 2.86 8.75 -3.21
C ARG B 319 1.46 9.33 -2.77
N ASN B 320 1.41 10.57 -2.28
CA ASN B 320 0.17 11.25 -1.87
C ASN B 320 -0.72 11.48 -3.10
N PHE B 321 -0.10 11.86 -4.23
CA PHE B 321 -0.82 12.07 -5.48
C PHE B 321 -1.53 10.79 -5.92
N LEU B 322 -0.81 9.64 -5.85
CA LEU B 322 -1.39 8.33 -6.20
C LEU B 322 -2.61 7.98 -5.30
N CYS B 323 -2.50 8.18 -3.98
CA CYS B 323 -3.61 7.98 -3.02
C CYS B 323 -4.84 8.81 -3.44
N SER B 324 -4.61 10.09 -3.72
CA SER B 324 -5.63 11.06 -4.12
C SER B 324 -6.30 10.64 -5.42
N LEU B 325 -5.51 10.13 -6.39
CA LEU B 325 -6.08 9.63 -7.64
C LEU B 325 -7.00 8.45 -7.36
N GLU B 326 -6.58 7.55 -6.46
CA GLU B 326 -7.31 6.36 -6.07
C GLU B 326 -8.60 6.67 -5.33
N SER B 327 -8.65 7.80 -4.63
CA SER B 327 -9.81 8.25 -3.86
C SER B 327 -10.91 8.83 -4.77
N ASN B 328 -10.56 9.23 -6.00
CA ASN B 328 -11.51 9.77 -6.95
C ASN B 328 -12.34 8.66 -7.58
N PRO B 329 -13.54 8.98 -8.10
CA PRO B 329 -14.35 7.92 -8.73
C PRO B 329 -13.63 7.27 -9.90
N SER B 330 -14.01 6.06 -10.20
CA SER B 330 -13.44 5.28 -11.27
C SER B 330 -13.90 5.77 -12.66
N VAL B 331 -12.94 6.14 -13.50
CA VAL B 331 -13.17 6.54 -14.88
C VAL B 331 -13.76 5.36 -15.65
N ARG B 332 -13.20 4.15 -15.44
CA ARG B 332 -13.63 2.93 -16.09
C ARG B 332 -15.08 2.61 -15.75
N GLU B 333 -15.46 2.71 -14.46
CA GLU B 333 -16.82 2.44 -14.03
C GLU B 333 -17.79 3.45 -14.65
N PHE B 334 -17.39 4.73 -14.69
CA PHE B 334 -18.20 5.79 -15.30
C PHE B 334 -18.46 5.49 -16.78
N VAL B 335 -17.39 5.19 -17.54
CA VAL B 335 -17.48 4.89 -18.97
C VAL B 335 -18.32 3.63 -19.22
N LEU B 336 -18.11 2.60 -18.41
CA LEU B 336 -18.84 1.35 -18.54
C LEU B 336 -20.35 1.53 -18.32
N SER B 337 -20.76 2.51 -17.51
CA SER B 337 -22.15 2.70 -17.17
C SER B 337 -22.95 3.59 -18.12
N LYS B 338 -22.32 4.13 -19.18
CA LYS B 338 -23.00 5.10 -20.02
C LYS B 338 -23.60 4.63 -21.35
N GLY B 339 -23.40 3.38 -21.76
CA GLY B 339 -23.89 2.84 -23.04
C GLY B 339 -23.56 3.73 -24.22
N ASP B 340 -22.30 4.22 -24.26
CA ASP B 340 -21.86 5.20 -25.20
C ASP B 340 -20.60 4.67 -25.90
N ALA B 341 -20.76 4.20 -27.13
CA ALA B 341 -19.69 3.65 -27.96
C ALA B 341 -18.50 4.60 -28.14
N GLY B 342 -18.76 5.87 -28.41
CA GLY B 342 -17.69 6.85 -28.57
C GLY B 342 -16.84 7.02 -27.31
N LEU B 343 -17.48 7.05 -26.16
CA LEU B 343 -16.78 7.19 -24.88
C LEU B 343 -16.00 5.90 -24.55
N ARG B 344 -16.59 4.73 -24.84
N ARG B 344 -16.59 4.74 -24.85
CA ARG B 344 -15.91 3.46 -24.62
CA ARG B 344 -15.95 3.43 -24.64
C ARG B 344 -14.68 3.33 -25.52
C ARG B 344 -14.71 3.31 -25.53
N GLU B 345 -14.80 3.79 -26.77
CA GLU B 345 -13.71 3.76 -27.75
C GLU B 345 -12.57 4.66 -27.30
N ALA B 346 -12.85 5.86 -26.79
CA ALA B 346 -11.84 6.78 -26.28
C ALA B 346 -11.12 6.15 -25.06
N TYR B 347 -11.88 5.50 -24.17
CA TYR B 347 -11.28 4.86 -23.00
C TYR B 347 -10.36 3.71 -23.45
N ASP B 348 -10.84 2.91 -24.40
CA ASP B 348 -10.10 1.79 -24.96
C ASP B 348 -8.84 2.22 -25.69
N ALA B 349 -8.84 3.42 -26.31
CA ALA B 349 -7.64 3.96 -26.94
C ALA B 349 -6.55 4.20 -25.88
N CYS B 350 -6.93 4.60 -24.64
CA CYS B 350 -5.96 4.84 -23.57
C CYS B 350 -5.36 3.52 -23.12
N VAL B 351 -6.21 2.52 -22.87
CA VAL B 351 -5.77 1.20 -22.46
C VAL B 351 -4.89 0.54 -23.54
N LYS B 352 -5.30 0.63 -24.81
CA LYS B 352 -4.54 0.08 -25.93
C LYS B 352 -3.14 0.70 -26.04
N ALA B 353 -3.04 2.04 -25.86
CA ALA B 353 -1.77 2.74 -25.85
C ALA B 353 -0.84 2.25 -24.72
N LEU B 354 -1.40 1.91 -23.54
CA LEU B 354 -0.63 1.40 -22.41
C LEU B 354 -0.19 -0.03 -22.71
N VAL B 355 -1.07 -0.84 -23.34
CA VAL B 355 -0.73 -2.20 -23.75
C VAL B 355 0.42 -2.15 -24.76
N SER B 356 0.38 -1.22 -25.71
CA SER B 356 1.42 -1.10 -26.72
C SER B 356 2.77 -0.72 -26.10
N LEU B 357 2.78 0.19 -25.10
CA LEU B 357 4.00 0.55 -24.38
C LEU B 357 4.60 -0.68 -23.70
N ARG B 358 3.76 -1.43 -22.98
CA ARG B 358 4.22 -2.58 -22.23
C ARG B 358 4.68 -3.73 -23.13
N SER B 359 4.03 -3.90 -24.30
CA SER B 359 4.41 -4.96 -25.25
C SER B 359 5.78 -4.64 -25.86
N TYR B 360 6.02 -3.38 -26.21
CA TYR B 360 7.28 -2.97 -26.77
C TYR B 360 8.43 -3.14 -25.74
N HIS B 361 8.15 -2.78 -24.48
CA HIS B 361 9.07 -2.88 -23.37
C HIS B 361 9.42 -4.36 -23.12
N LEU B 362 8.45 -5.29 -23.28
CA LEU B 362 8.74 -6.73 -23.13
C LEU B 362 9.77 -7.20 -24.18
N GLN B 363 9.67 -6.67 -25.42
CA GLN B 363 10.60 -7.02 -26.48
C GLN B 363 12.00 -6.47 -26.15
N ILE B 364 12.07 -5.30 -25.49
CA ILE B 364 13.32 -4.69 -25.04
C ILE B 364 13.95 -5.56 -23.97
N VAL B 365 13.16 -6.03 -23.01
CA VAL B 365 13.68 -6.87 -21.94
C VAL B 365 14.22 -8.21 -22.51
N THR B 366 13.59 -8.74 -23.59
CA THR B 366 14.08 -9.97 -24.22
C THR B 366 15.49 -9.72 -24.81
N LYS B 367 15.65 -8.58 -25.50
CA LYS B 367 16.93 -8.18 -26.07
C LYS B 367 18.02 -7.87 -25.03
N TYR B 368 17.69 -7.13 -23.96
CA TYR B 368 18.69 -6.66 -23.00
C TYR B 368 18.94 -7.55 -21.79
N ILE B 369 18.00 -8.43 -21.45
CA ILE B 369 18.17 -9.31 -20.29
C ILE B 369 18.12 -10.79 -20.67
N LEU B 370 17.03 -11.24 -21.30
CA LEU B 370 16.84 -12.65 -21.61
C LEU B 370 17.95 -13.28 -22.48
N ILE B 371 18.18 -12.69 -23.65
CA ILE B 371 19.17 -13.19 -24.57
C ILE B 371 20.59 -13.07 -23.96
N PRO B 372 21.05 -11.92 -23.42
CA PRO B 372 22.38 -11.88 -22.77
C PRO B 372 22.55 -12.87 -21.62
N ALA B 373 21.49 -13.12 -20.82
CA ALA B 373 21.58 -14.09 -19.72
C ALA B 373 21.90 -15.51 -20.24
N SER B 374 21.42 -15.83 -21.45
CA SER B 374 21.63 -17.13 -22.08
C SER B 374 23.04 -17.28 -22.70
N GLN B 375 23.80 -16.18 -22.86
CA GLN B 375 25.14 -16.18 -23.47
C GLN B 375 26.30 -15.88 -22.49
N GLY B 395 16.83 -17.21 -15.64
CA GLY B 395 17.70 -16.14 -16.14
C GLY B 395 16.89 -14.98 -16.68
N GLY B 396 16.28 -14.21 -15.76
CA GLY B 396 15.41 -13.10 -16.13
C GLY B 396 13.99 -13.52 -16.49
N THR B 397 13.67 -14.82 -16.36
CA THR B 397 12.35 -15.37 -16.62
C THR B 397 11.35 -14.84 -15.58
N ASP B 398 11.78 -14.70 -14.32
CA ASP B 398 10.92 -14.17 -13.25
C ASP B 398 10.53 -12.72 -13.56
N LEU B 399 11.49 -11.93 -14.12
CA LEU B 399 11.31 -10.54 -14.51
C LEU B 399 10.30 -10.46 -15.66
N MET B 400 10.42 -11.37 -16.64
CA MET B 400 9.49 -11.41 -17.78
C MET B 400 8.09 -11.76 -17.32
N ASN B 401 7.97 -12.71 -16.40
CA ASN B 401 6.66 -13.13 -15.88
C ASN B 401 5.97 -11.99 -15.14
N PHE B 402 6.74 -11.15 -14.43
CA PHE B 402 6.19 -10.00 -13.75
C PHE B 402 5.66 -9.01 -14.81
N LEU B 403 6.48 -8.71 -15.83
CA LEU B 403 6.10 -7.77 -16.85
C LEU B 403 4.88 -8.24 -17.68
N LYS B 404 4.81 -9.55 -17.93
CA LYS B 404 3.71 -10.15 -18.65
C LYS B 404 2.42 -10.15 -17.82
N THR B 405 2.52 -10.23 -16.49
CA THR B 405 1.36 -10.14 -15.61
C THR B 405 0.79 -8.71 -15.65
N VAL B 406 1.67 -7.71 -15.55
CA VAL B 406 1.30 -6.29 -15.60
C VAL B 406 0.65 -5.99 -16.95
N ARG B 407 1.27 -6.45 -18.03
CA ARG B 407 0.74 -6.24 -19.36
C ARG B 407 -0.64 -6.91 -19.53
N SER B 408 -0.79 -8.17 -19.07
N SER B 408 -0.79 -8.16 -19.07
CA SER B 408 -2.07 -8.88 -19.20
CA SER B 408 -2.03 -8.94 -19.16
C SER B 408 -3.18 -8.22 -18.41
C SER B 408 -3.16 -8.25 -18.40
N THR B 409 -2.89 -7.72 -17.19
CA THR B 409 -3.87 -7.01 -16.38
C THR B 409 -4.36 -5.74 -17.13
N THR B 410 -3.43 -5.08 -17.84
CA THR B 410 -3.76 -3.94 -18.69
C THR B 410 -4.66 -4.36 -19.87
N GLU B 411 -4.28 -5.43 -20.58
CA GLU B 411 -5.06 -5.96 -21.72
C GLU B 411 -6.49 -6.31 -21.30
N LYS B 412 -6.65 -6.97 -20.13
CA LYS B 412 -7.95 -7.37 -19.60
C LYS B 412 -8.84 -6.20 -19.16
N SER B 413 -8.32 -4.96 -19.19
CA SER B 413 -9.11 -3.79 -18.86
C SER B 413 -9.83 -3.22 -20.09
N LEU B 414 -9.54 -3.72 -21.32
CA LEU B 414 -10.23 -3.25 -22.51
C LEU B 414 -11.71 -3.59 -22.39
N LEU B 415 -12.58 -2.64 -22.71
CA LEU B 415 -14.02 -2.84 -22.63
C LEU B 415 -14.47 -3.67 -23.81
N LYS B 416 -13.92 -3.41 -25.02
CA LYS B 416 -14.28 -4.19 -26.19
C LYS B 416 -13.22 -5.23 -26.49
CHA HEM C . -4.37 -8.13 16.70
CHB HEM C . -5.87 -11.83 19.35
CHC HEM C . -9.54 -9.24 21.16
CHD HEM C . -8.06 -5.50 18.40
C1A HEM C . -4.50 -9.41 17.22
C2A HEM C . -3.63 -10.53 16.88
C3A HEM C . -4.05 -11.59 17.65
C4A HEM C . -5.17 -11.10 18.45
CMA HEM C . -3.52 -12.99 17.68
CAA HEM C . -2.48 -10.57 15.92
CBA HEM C . -2.90 -10.41 14.46
CGA HEM C . -3.51 -11.62 13.81
O1A HEM C . -4.34 -11.54 12.94
O2A HEM C . -3.07 -12.78 14.23
C1B HEM C . -6.97 -11.45 20.12
C2B HEM C . -7.61 -12.33 21.06
C3B HEM C . -8.67 -11.59 21.56
C4B HEM C . -8.66 -10.29 20.95
CMB HEM C . -7.14 -13.71 21.41
CAB HEM C . -9.67 -12.05 22.53
CBB HEM C . -10.28 -13.25 22.54
C1C HEM C . -9.51 -7.98 20.50
C2C HEM C . -10.53 -6.96 20.59
C3C HEM C . -10.11 -5.94 19.77
C4C HEM C . -8.85 -6.31 19.23
CMC HEM C . -11.75 -7.02 21.47
CAC HEM C . -10.78 -4.67 19.49
CBC HEM C . -11.30 -4.26 18.35
C1D HEM C . -6.86 -5.85 17.77
C2D HEM C . -6.09 -4.98 16.90
C3D HEM C . -5.02 -5.72 16.44
C4D HEM C . -5.18 -7.04 17.01
CMD HEM C . -6.46 -3.58 16.53
CAD HEM C . -3.91 -5.30 15.53
CBD HEM C . -2.60 -5.05 16.27
CGD HEM C . -2.58 -3.77 17.06
O1D HEM C . -2.10 -3.71 18.18
O2D HEM C . -3.04 -2.73 16.43
NA HEM C . -5.43 -9.78 18.15
NB HEM C . -7.60 -10.24 20.08
NC HEM C . -8.51 -7.57 19.68
ND HEM C . -6.30 -7.08 17.83
FE HEM C . -6.95 -8.67 18.95
N1 A1H6R D . -8.84 -10.19 15.82
C4 A1H6R D . -6.82 -15.75 15.92
C5 A1H6R D . -6.24 -15.39 14.53
C6 A1H6R D . -7.03 -14.24 13.88
C7 A1H6R D . -8.99 -11.25 14.80
C8 A1H6R D . -10.35 -11.03 14.18
C10 A1H6R D . -12.27 -12.44 13.40
C13 A1H6R D . -11.42 -10.74 11.92
C15 A1H6R D . -9.79 -9.01 17.42
O A1H6R D . -6.72 -10.95 14.12
C A1H6R D . -7.80 -11.87 14.11
C1 A1H6R D . -7.07 -13.02 14.78
C3 A1H6R D . -6.92 -14.50 16.81
C2 A1H6R D . -7.70 -13.38 16.10
C16 A1H6R D . -7.85 -10.03 16.77
N A1H6R D . -8.47 -9.23 17.71
C14 A1H6R D . -10.02 -9.87 16.37
S A1H6R D . -11.32 -10.03 15.27
C9 A1H6R D . -11.01 -11.70 13.04
C12 A1H6R D . -12.47 -11.52 11.13
C11 A1H6R D . -12.97 -12.62 12.05
CHA HEM E . 9.87 -2.51 -15.33
CHB HEM E . 13.87 -3.69 -17.75
CHC HEM E . 13.66 0.40 -20.37
CHD HEM E . 9.72 1.65 -17.76
C1A HEM E . 11.06 -3.17 -15.72
C2A HEM E . 11.53 -4.43 -15.16
C3A HEM E . 12.65 -4.78 -15.86
C4A HEM E . 12.87 -3.72 -16.82
CMA HEM E . 13.51 -6.00 -15.71
CAA HEM E . 10.93 -5.19 -14.00
CBA HEM E . 11.09 -4.49 -12.66
CGA HEM E . 12.47 -4.61 -12.07
O1A HEM E . 13.12 -5.64 -12.18
O2A HEM E . 12.91 -3.53 -11.47
C1B HEM E . 14.14 -2.72 -18.72
C2B HEM E . 15.23 -2.84 -19.68
C3B HEM E . 15.17 -1.68 -20.41
C4B HEM E . 14.07 -0.87 -19.92
CMB HEM E . 16.15 -4.02 -19.80
CAB HEM E . 16.12 -1.27 -21.45
CBB HEM E . 17.42 -1.41 -21.44
C1C HEM E . 12.57 1.15 -19.82
C2C HEM E . 12.25 2.52 -20.18
C3C HEM E . 11.17 2.86 -19.41
C4C HEM E . 10.82 1.72 -18.61
CMC HEM E . 12.96 3.35 -21.20
CAC HEM E . 10.46 4.15 -19.35
CBC HEM E . 10.35 5.01 -18.33
C1D HEM E . 9.34 0.58 -16.94
C2D HEM E . 8.17 0.57 -16.09
C3D HEM E . 8.21 -0.61 -15.40
C4D HEM E . 9.42 -1.31 -15.84
CMD HEM E . 7.17 1.68 -15.99
CAD HEM E . 7.23 -1.16 -14.41
CBD HEM E . 6.32 -2.22 -15.00
CGD HEM E . 5.25 -1.69 -15.92
O1D HEM E . 4.95 -2.22 -16.97
O2D HEM E . 4.64 -0.62 -15.47
NA HEM E . 11.88 -2.75 -16.71
NB HEM E . 13.48 -1.56 -18.87
NC HEM E . 11.71 0.68 -18.86
ND HEM E . 10.07 -0.55 -16.78
FE HEM E . 11.78 -1.04 -17.79
N1 A1H6R F . 14.06 0.37 -14.83
C4 A1H6R F . 18.12 -3.62 -14.57
C5 A1H6R F . 16.84 -4.26 -14.01
C6 A1H6R F . 15.71 -3.21 -13.89
C7 A1H6R F . 15.07 0.15 -13.76
C8 A1H6R F . 15.60 1.51 -13.41
C10 A1H6R F . 15.88 2.89 -11.30
C13 A1H6R F . 17.77 2.67 -12.80
C15 A1H6R F . 13.51 1.58 -16.64
O A1H6R F . 13.67 -1.54 -12.85
C A1H6R F . 14.99 -1.02 -12.84
C1 A1H6R F . 16.14 -2.05 -13.01
C3 A1H6R F . 18.55 -2.42 -13.72
C2 A1H6R F . 17.40 -1.40 -13.59
C16 A1H6R F . 13.43 -0.52 -15.70
N A1H6R F . 13.00 0.30 -16.72
C14 A1H6R F . 14.36 1.46 -15.57
S A1H6R F . 15.18 2.63 -14.68
C9 A1H6R F . 16.51 1.95 -12.33
C12 A1H6R F . 18.26 3.36 -11.52
C11 A1H6R F . 17.07 3.46 -10.55
#